data_4FGS
#
_entry.id   4FGS
#
_cell.length_a   112.550
_cell.length_b   119.425
_cell.length_c   75.650
_cell.angle_alpha   90.00
_cell.angle_beta   90.00
_cell.angle_gamma   90.00
#
_symmetry.space_group_name_H-M   'P 21 21 2'
#
loop_
_entity.id
_entity.type
_entity.pdbx_description
1 polymer 'Probable dehydrogenase protein'
2 non-polymer 'SULFATE ION'
3 water water
#
_entity_poly.entity_id   1
_entity_poly.type   'polypeptide(L)'
_entity_poly.pdbx_seq_one_letter_code
;(MSE)HHHHHHSSGVDLGTENLYFQS(MSE)TQRLNAKIAVITGATSGIGLAAAKRFVAEGARVFITGRRKDVLDAAIAE
IGGGAVGIQADSANLAELDRLYEKVKAEAGRIDVLFVNAGGGS(MSE)LPLGEVTEEQYDDTFDRNVKGVLFTVQKALPL
LARGSSVVLTGSTAGSTGTPAFSVYAASKAALRSFARNWILDLKDRGIRINTLSPGPTETTGLVELAGKDPVQQQGLLNA
LAAQVP(MSE)GRVGRAEEVAAAALFLASDDSSFVTGAELFVDGGSAQV
;
_entity_poly.pdbx_strand_id   A,B,C,D
#
# COMPACT_ATOMS: atom_id res chain seq x y z
N GLN A 25 0.76 -9.17 -33.60
CA GLN A 25 -0.61 -9.75 -33.61
C GLN A 25 -0.92 -10.42 -32.27
N ARG A 26 -0.79 -9.65 -31.19
CA ARG A 26 -0.89 -10.19 -29.84
C ARG A 26 -2.32 -10.42 -29.35
N LEU A 27 -3.29 -9.91 -30.09
CA LEU A 27 -4.70 -10.17 -29.81
C LEU A 27 -5.40 -10.79 -31.03
N ASN A 28 -4.65 -11.56 -31.82
CA ASN A 28 -5.19 -12.23 -32.99
C ASN A 28 -6.42 -13.07 -32.63
N ALA A 29 -7.51 -12.83 -33.36
CA ALA A 29 -8.75 -13.59 -33.18
C ALA A 29 -9.33 -13.48 -31.76
N LYS A 30 -9.17 -12.31 -31.16
CA LYS A 30 -9.76 -12.02 -29.86
C LYS A 30 -10.87 -11.01 -30.05
N ILE A 31 -11.94 -11.17 -29.28
CA ILE A 31 -13.02 -10.21 -29.24
C ILE A 31 -12.77 -9.28 -28.05
N ALA A 32 -12.62 -7.99 -28.33
CA ALA A 32 -12.45 -7.01 -27.27
C ALA A 32 -13.62 -6.04 -27.24
N VAL A 33 -14.12 -5.77 -26.04
CA VAL A 33 -15.19 -4.80 -25.81
C VAL A 33 -14.59 -3.72 -24.91
N ILE A 34 -14.64 -2.47 -25.37
CA ILE A 34 -14.08 -1.35 -24.61
C ILE A 34 -15.18 -0.33 -24.37
N THR A 35 -15.53 -0.11 -23.10
CA THR A 35 -16.50 0.93 -22.76
C THR A 35 -15.79 2.27 -22.62
N GLY A 36 -16.42 3.32 -23.15
CA GLY A 36 -15.84 4.67 -23.12
C GLY A 36 -14.57 4.80 -23.95
N ALA A 37 -14.67 4.50 -25.25
CA ALA A 37 -13.51 4.50 -26.12
C ALA A 37 -13.55 5.52 -27.26
N THR A 38 -14.32 6.60 -27.07
CA THR A 38 -14.47 7.59 -28.13
C THR A 38 -13.41 8.71 -28.10
N SER A 39 -12.65 8.78 -27.00
CA SER A 39 -11.54 9.73 -26.86
C SER A 39 -10.49 9.19 -25.90
N GLY A 40 -9.36 9.90 -25.82
CA GLY A 40 -8.31 9.63 -24.83
C GLY A 40 -7.78 8.21 -24.79
N ILE A 41 -7.66 7.68 -23.57
CA ILE A 41 -7.10 6.35 -23.32
C ILE A 41 -7.91 5.24 -24.00
N GLY A 42 -9.23 5.30 -23.88
CA GLY A 42 -10.12 4.30 -24.48
C GLY A 42 -9.92 4.21 -25.98
N LEU A 43 -9.86 5.37 -26.64
CA LEU A 43 -9.65 5.43 -28.09
C LEU A 43 -8.29 4.88 -28.47
N ALA A 44 -7.26 5.27 -27.71
CA ALA A 44 -5.90 4.79 -27.93
C ALA A 44 -5.85 3.28 -27.79
N ALA A 45 -6.56 2.75 -26.79
CA ALA A 45 -6.63 1.29 -26.60
C ALA A 45 -7.35 0.60 -27.75
N ALA A 46 -8.45 1.19 -28.21
CA ALA A 46 -9.17 0.63 -29.36
C ALA A 46 -8.27 0.54 -30.59
N LYS A 47 -7.50 1.60 -30.85
CA LYS A 47 -6.58 1.62 -31.99
C LYS A 47 -5.49 0.56 -31.85
N ARG A 48 -4.89 0.47 -30.66
CA ARG A 48 -3.84 -0.51 -30.42
C ARG A 48 -4.36 -1.94 -30.53
N PHE A 49 -5.56 -2.20 -29.99
CA PHE A 49 -6.14 -3.53 -30.00
C PHE A 49 -6.44 -3.98 -31.43
N VAL A 50 -6.95 -3.06 -32.26
CA VAL A 50 -7.20 -3.36 -33.67
C VAL A 50 -5.88 -3.67 -34.39
N ALA A 51 -4.85 -2.87 -34.12
CA ALA A 51 -3.52 -3.09 -34.68
C ALA A 51 -2.95 -4.45 -34.29
N GLU A 52 -3.35 -4.94 -33.11
CA GLU A 52 -2.90 -6.24 -32.61
C GLU A 52 -3.81 -7.41 -33.04
N GLY A 53 -4.77 -7.12 -33.91
CA GLY A 53 -5.58 -8.16 -34.54
C GLY A 53 -6.93 -8.45 -33.93
N ALA A 54 -7.31 -7.67 -32.91
CA ALA A 54 -8.57 -7.91 -32.21
C ALA A 54 -9.77 -7.41 -33.03
N ARG A 55 -10.91 -8.06 -32.82
CA ARG A 55 -12.19 -7.56 -33.28
C ARG A 55 -12.74 -6.72 -32.14
N VAL A 56 -12.88 -5.42 -32.39
CA VAL A 56 -13.15 -4.45 -31.34
C VAL A 56 -14.57 -3.89 -31.40
N PHE A 57 -15.23 -3.93 -30.25
CA PHE A 57 -16.51 -3.26 -30.06
C PHE A 57 -16.27 -2.13 -29.07
N ILE A 58 -16.71 -0.92 -29.40
CA ILE A 58 -16.57 0.21 -28.47
C ILE A 58 -17.93 0.80 -28.10
N THR A 59 -17.99 1.47 -26.96
CA THR A 59 -19.19 2.22 -26.57
C THR A 59 -18.87 3.69 -26.38
N GLY A 60 -19.90 4.51 -26.52
CA GLY A 60 -19.83 5.95 -26.25
C GLY A 60 -21.26 6.43 -26.09
N ARG A 61 -21.45 7.60 -25.50
CA ARG A 61 -22.80 8.11 -25.25
C ARG A 61 -23.34 8.97 -26.40
N ARG A 62 -22.45 9.63 -27.12
CA ARG A 62 -22.83 10.56 -28.18
C ARG A 62 -22.58 9.94 -29.56
N LYS A 63 -23.65 9.78 -30.33
CA LYS A 63 -23.61 9.09 -31.62
C LYS A 63 -22.61 9.66 -32.63
N ASP A 64 -22.59 10.99 -32.77
CA ASP A 64 -21.67 11.65 -33.69
C ASP A 64 -20.21 11.44 -33.28
N VAL A 65 -19.96 11.50 -31.97
CA VAL A 65 -18.61 11.30 -31.41
C VAL A 65 -18.20 9.83 -31.59
N LEU A 66 -19.13 8.93 -31.31
CA LEU A 66 -18.93 7.49 -31.49
C LEU A 66 -18.58 7.15 -32.94
N ASP A 67 -19.34 7.71 -33.89
CA ASP A 67 -19.09 7.47 -35.32
C ASP A 67 -17.72 7.96 -35.78
N ALA A 68 -17.33 9.15 -35.32
CA ALA A 68 -16.02 9.72 -35.65
C ALA A 68 -14.90 8.85 -35.08
N ALA A 69 -15.11 8.32 -33.87
CA ALA A 69 -14.14 7.42 -33.24
C ALA A 69 -13.96 6.15 -34.05
N ILE A 70 -15.07 5.55 -34.49
CA ILE A 70 -15.04 4.34 -35.32
C ILE A 70 -14.28 4.56 -36.63
N ALA A 71 -14.46 5.75 -37.22
CA ALA A 71 -13.75 6.13 -38.44
C ALA A 71 -12.24 6.22 -38.19
N GLU A 72 -11.88 6.76 -37.02
CA GLU A 72 -10.49 6.91 -36.63
C GLU A 72 -9.84 5.55 -36.37
N ILE A 73 -10.58 4.67 -35.72
CA ILE A 73 -10.08 3.32 -35.39
C ILE A 73 -9.93 2.45 -36.64
N GLY A 74 -11.01 2.34 -37.42
CA GLY A 74 -11.02 1.48 -38.61
C GLY A 74 -10.88 0.01 -38.24
N GLY A 75 -10.33 -0.77 -39.16
CA GLY A 75 -10.08 -2.19 -38.92
C GLY A 75 -11.31 -3.01 -38.52
N GLY A 76 -12.48 -2.61 -39.02
CA GLY A 76 -13.71 -3.34 -38.78
C GLY A 76 -14.30 -3.17 -37.39
N ALA A 77 -13.78 -2.19 -36.64
CA ALA A 77 -14.33 -1.87 -35.31
C ALA A 77 -15.79 -1.46 -35.42
N VAL A 78 -16.57 -1.84 -34.41
CA VAL A 78 -18.01 -1.60 -34.37
C VAL A 78 -18.34 -0.78 -33.13
N GLY A 79 -19.20 0.22 -33.30
CA GLY A 79 -19.62 1.08 -32.19
C GLY A 79 -21.04 0.80 -31.78
N ILE A 80 -21.28 0.86 -30.47
CA ILE A 80 -22.60 0.67 -29.88
C ILE A 80 -22.87 1.83 -28.91
N GLN A 81 -24.00 2.51 -29.07
CA GLN A 81 -24.36 3.59 -28.16
C GLN A 81 -24.81 3.07 -26.80
N ALA A 82 -24.13 3.49 -25.74
CA ALA A 82 -24.46 3.08 -24.38
C ALA A 82 -23.83 3.95 -23.29
N ASP A 83 -24.58 4.14 -22.20
CA ASP A 83 -24.08 4.75 -20.97
C ASP A 83 -24.11 3.67 -19.89
N SER A 84 -23.06 3.59 -19.07
CA SER A 84 -22.98 2.60 -17.99
C SER A 84 -23.89 2.94 -16.79
N ALA A 85 -24.19 4.22 -16.63
CA ALA A 85 -25.17 4.66 -15.62
C ALA A 85 -26.57 4.12 -15.95
N ASN A 86 -26.65 3.36 -17.04
CA ASN A 86 -27.91 2.77 -17.50
C ASN A 86 -27.80 1.27 -17.72
N LEU A 87 -28.39 0.50 -16.81
CA LEU A 87 -28.30 -0.96 -16.83
C LEU A 87 -29.03 -1.61 -18.01
N ALA A 88 -30.11 -0.97 -18.46
CA ALA A 88 -30.87 -1.42 -19.63
C ALA A 88 -30.02 -1.33 -20.90
N GLU A 89 -29.23 -0.27 -21.02
CA GLU A 89 -28.36 -0.07 -22.17
C GLU A 89 -27.16 -1.02 -22.17
N LEU A 90 -26.75 -1.45 -20.98
CA LEU A 90 -25.75 -2.53 -20.85
C LEU A 90 -26.32 -3.85 -21.38
N ASP A 91 -27.57 -4.16 -21.03
CA ASP A 91 -28.26 -5.36 -21.54
C ASP A 91 -28.27 -5.38 -23.06
N ARG A 92 -28.55 -4.22 -23.67
CA ARG A 92 -28.59 -4.09 -25.13
C ARG A 92 -27.19 -4.24 -25.75
N LEU A 93 -26.18 -3.68 -25.08
CA LEU A 93 -24.79 -3.83 -25.52
C LEU A 93 -24.42 -5.31 -25.65
N TYR A 94 -24.76 -6.10 -24.64
CA TYR A 94 -24.35 -7.50 -24.60
C TYR A 94 -25.21 -8.40 -25.48
N GLU A 95 -26.44 -7.99 -25.74
CA GLU A 95 -27.27 -8.66 -26.74
C GLU A 95 -26.62 -8.53 -28.12
N LYS A 96 -26.15 -7.32 -28.42
CA LYS A 96 -25.45 -7.04 -29.68
C LYS A 96 -24.14 -7.83 -29.81
N VAL A 97 -23.33 -7.83 -28.75
CA VAL A 97 -22.06 -8.55 -28.76
C VAL A 97 -22.26 -10.07 -28.90
N LYS A 98 -23.22 -10.61 -28.13
CA LYS A 98 -23.58 -12.02 -28.20
C LYS A 98 -23.96 -12.42 -29.63
N ALA A 99 -24.80 -11.61 -30.26
CA ALA A 99 -25.27 -11.88 -31.62
C ALA A 99 -24.15 -11.80 -32.65
N GLU A 100 -23.28 -10.80 -32.52
CA GLU A 100 -22.28 -10.52 -33.55
C GLU A 100 -20.93 -11.22 -33.35
N ALA A 101 -20.64 -11.64 -32.11
CA ALA A 101 -19.33 -12.22 -31.80
C ALA A 101 -19.42 -13.46 -30.89
N GLY A 102 -20.52 -13.60 -30.17
CA GLY A 102 -20.78 -14.80 -29.37
C GLY A 102 -19.96 -14.99 -28.12
N ARG A 103 -18.96 -14.13 -27.91
CA ARG A 103 -18.06 -14.22 -26.75
C ARG A 103 -17.32 -12.90 -26.53
N ILE A 104 -16.70 -12.78 -25.36
CA ILE A 104 -15.78 -11.67 -25.07
C ILE A 104 -14.49 -12.27 -24.52
N ASP A 105 -13.37 -11.89 -25.13
CA ASP A 105 -12.06 -12.30 -24.65
C ASP A 105 -11.39 -11.23 -23.81
N VAL A 106 -11.65 -9.97 -24.14
CA VAL A 106 -11.04 -8.83 -23.46
C VAL A 106 -12.14 -7.82 -23.18
N LEU A 107 -12.31 -7.45 -21.91
CA LEU A 107 -13.25 -6.41 -21.54
C LEU A 107 -12.50 -5.30 -20.84
N PHE A 108 -12.43 -4.14 -21.48
CA PHE A 108 -11.72 -2.98 -20.95
C PHE A 108 -12.77 -1.96 -20.52
N VAL A 109 -12.96 -1.86 -19.21
CA VAL A 109 -14.02 -1.03 -18.65
C VAL A 109 -13.41 0.33 -18.32
N ASN A 110 -13.47 1.21 -19.29
CA ASN A 110 -12.77 2.48 -19.24
C ASN A 110 -13.72 3.65 -19.05
N ALA A 111 -15.01 3.41 -19.25
CA ALA A 111 -16.02 4.45 -19.14
C ALA A 111 -16.08 5.01 -17.73
N GLY A 112 -16.01 6.32 -17.64
CA GLY A 112 -16.07 6.99 -16.35
C GLY A 112 -15.58 8.40 -16.46
N GLY A 113 -15.49 9.06 -15.31
CA GLY A 113 -14.98 10.42 -15.24
C GLY A 113 -15.32 11.01 -13.89
N GLY A 114 -15.28 12.33 -13.80
CA GLY A 114 -15.53 12.99 -12.55
C GLY A 114 -15.35 14.48 -12.70
N SER A 115 -15.39 15.17 -11.57
CA SER A 115 -15.26 16.61 -11.51
C SER A 115 -14.68 17.01 -10.16
N LEU A 117 -14.90 19.18 -6.66
CA LEU A 117 -15.55 19.96 -5.60
C LEU A 117 -14.88 19.63 -4.27
N PRO A 118 -14.57 20.66 -3.46
CA PRO A 118 -14.00 20.38 -2.14
C PRO A 118 -15.09 19.97 -1.15
N LEU A 119 -14.71 19.29 -0.08
CA LEU A 119 -15.65 19.03 1.01
C LEU A 119 -16.13 20.38 1.55
N GLY A 120 -17.44 20.46 1.76
CA GLY A 120 -18.12 21.70 2.08
C GLY A 120 -19.00 22.12 0.91
N GLU A 121 -18.63 21.66 -0.29
CA GLU A 121 -19.30 22.05 -1.52
C GLU A 121 -19.80 20.86 -2.34
N VAL A 122 -19.56 19.64 -1.84
CA VAL A 122 -19.96 18.44 -2.57
C VAL A 122 -21.49 18.32 -2.61
N THR A 123 -22.01 18.03 -3.80
CA THR A 123 -23.45 17.89 -4.00
C THR A 123 -23.83 16.42 -4.10
N GLU A 124 -25.10 16.11 -3.81
CA GLU A 124 -25.64 14.77 -4.03
C GLU A 124 -25.42 14.34 -5.47
N GLU A 125 -25.63 15.27 -6.41
CA GLU A 125 -25.49 14.97 -7.83
C GLU A 125 -24.05 14.58 -8.17
N GLN A 126 -23.07 15.31 -7.64
CA GLN A 126 -21.68 14.97 -7.92
C GLN A 126 -21.39 13.57 -7.43
N TYR A 127 -21.81 13.28 -6.20
CA TYR A 127 -21.63 11.94 -5.65
C TYR A 127 -22.35 10.88 -6.51
N ASP A 128 -23.66 11.04 -6.69
CA ASP A 128 -24.45 10.07 -7.43
C ASP A 128 -23.93 9.85 -8.85
N ASP A 129 -23.67 10.92 -9.57
CA ASP A 129 -23.30 10.79 -10.98
C ASP A 129 -21.92 10.17 -11.17
N THR A 130 -21.01 10.48 -10.25
CA THR A 130 -19.67 9.89 -10.30
C THR A 130 -19.71 8.41 -9.97
N PHE A 131 -20.36 8.06 -8.86
CA PHE A 131 -20.43 6.66 -8.44
C PHE A 131 -21.29 5.80 -9.36
N ASP A 132 -22.37 6.38 -9.91
CA ASP A 132 -23.20 5.63 -10.87
C ASP A 132 -22.41 5.16 -12.09
N ARG A 133 -21.45 5.96 -12.53
CA ARG A 133 -20.62 5.59 -13.67
C ARG A 133 -19.39 4.79 -13.28
N ASN A 134 -18.66 5.31 -12.29
CA ASN A 134 -17.33 4.78 -11.97
C ASN A 134 -17.32 3.52 -11.11
N VAL A 135 -18.42 3.27 -10.40
CA VAL A 135 -18.48 2.16 -9.45
C VAL A 135 -19.66 1.25 -9.78
N LYS A 136 -20.88 1.77 -9.61
CA LYS A 136 -22.07 0.99 -9.96
C LYS A 136 -22.06 0.53 -11.42
N GLY A 137 -21.76 1.46 -12.32
CA GLY A 137 -21.75 1.17 -13.75
C GLY A 137 -20.69 0.13 -14.10
N VAL A 138 -19.55 0.20 -13.43
CA VAL A 138 -18.48 -0.78 -13.63
C VAL A 138 -18.90 -2.17 -13.16
N LEU A 139 -19.47 -2.25 -11.96
CA LEU A 139 -19.90 -3.53 -11.41
C LEU A 139 -20.88 -4.22 -12.37
N PHE A 140 -21.87 -3.48 -12.85
CA PHE A 140 -22.85 -4.11 -13.73
C PHE A 140 -22.34 -4.36 -15.15
N THR A 141 -21.40 -3.53 -15.62
CA THR A 141 -20.73 -3.78 -16.89
C THR A 141 -20.06 -5.17 -16.85
N VAL A 142 -19.35 -5.44 -15.75
CA VAL A 142 -18.66 -6.72 -15.60
C VAL A 142 -19.63 -7.87 -15.31
N GLN A 143 -20.58 -7.64 -14.41
CA GLN A 143 -21.57 -8.66 -14.06
C GLN A 143 -22.34 -9.12 -15.30
N LYS A 144 -22.80 -8.17 -16.11
CA LYS A 144 -23.60 -8.52 -17.28
C LYS A 144 -22.77 -9.15 -18.39
N ALA A 145 -21.45 -8.96 -18.33
CA ALA A 145 -20.54 -9.58 -19.29
C ALA A 145 -20.25 -11.06 -19.01
N LEU A 146 -20.47 -11.48 -17.75
CA LEU A 146 -20.03 -12.81 -17.28
C LEU A 146 -20.43 -13.99 -18.16
N PRO A 147 -21.69 -14.02 -18.65
CA PRO A 147 -22.10 -15.13 -19.52
C PRO A 147 -21.30 -15.24 -20.83
N LEU A 148 -20.71 -14.13 -21.28
CA LEU A 148 -19.94 -14.07 -22.52
C LEU A 148 -18.44 -14.22 -22.33
N LEU A 149 -17.96 -14.02 -21.11
CA LEU A 149 -16.52 -14.04 -20.85
C LEU A 149 -15.97 -15.47 -20.90
N ALA A 150 -15.09 -15.69 -21.87
CA ALA A 150 -14.52 -17.01 -22.15
C ALA A 150 -13.47 -17.43 -21.11
N ARG A 151 -13.16 -18.72 -21.10
CA ARG A 151 -12.00 -19.20 -20.35
C ARG A 151 -10.77 -18.55 -20.97
N GLY A 152 -9.90 -18.00 -20.12
CA GLY A 152 -8.70 -17.31 -20.60
C GLY A 152 -8.92 -15.84 -20.94
N SER A 153 -10.06 -15.31 -20.52
CA SER A 153 -10.41 -13.91 -20.77
C SER A 153 -9.81 -12.98 -19.73
N SER A 154 -9.79 -11.69 -20.06
CA SER A 154 -9.14 -10.68 -19.24
C SER A 154 -10.00 -9.44 -19.16
N VAL A 155 -10.29 -9.02 -17.93
CA VAL A 155 -11.06 -7.83 -17.65
C VAL A 155 -10.10 -6.78 -17.09
N VAL A 156 -10.06 -5.62 -17.74
CA VAL A 156 -9.19 -4.51 -17.33
C VAL A 156 -10.08 -3.35 -16.89
N LEU A 157 -9.88 -2.91 -15.65
CA LEU A 157 -10.67 -1.82 -15.08
C LEU A 157 -9.81 -0.57 -15.01
N THR A 158 -10.31 0.56 -15.53
CA THR A 158 -9.54 1.80 -15.44
C THR A 158 -9.68 2.41 -14.06
N GLY A 159 -8.57 2.40 -13.33
CA GLY A 159 -8.48 3.08 -12.05
C GLY A 159 -7.84 4.44 -12.24
N SER A 160 -7.13 4.89 -11.21
CA SER A 160 -6.45 6.18 -11.24
C SER A 160 -5.49 6.22 -10.08
N THR A 161 -4.39 6.96 -10.25
CA THR A 161 -3.53 7.29 -9.11
C THR A 161 -4.34 7.96 -8.00
N ALA A 162 -5.40 8.68 -8.38
CA ALA A 162 -6.27 9.34 -7.40
C ALA A 162 -6.83 8.37 -6.34
N GLY A 163 -6.99 7.11 -6.72
CA GLY A 163 -7.55 6.07 -5.84
C GLY A 163 -6.70 5.72 -4.62
N SER A 164 -5.44 6.12 -4.64
CA SER A 164 -4.52 5.78 -3.54
C SER A 164 -3.71 6.98 -3.07
N THR A 165 -4.12 8.17 -3.51
CA THR A 165 -3.43 9.40 -3.14
C THR A 165 -4.42 10.44 -2.64
N GLY A 166 -3.92 11.58 -2.20
CA GLY A 166 -4.76 12.71 -1.83
C GLY A 166 -4.57 13.84 -2.83
N THR A 167 -5.68 14.45 -3.22
CA THR A 167 -5.71 15.54 -4.19
C THR A 167 -6.81 16.51 -3.75
N PRO A 168 -6.49 17.83 -3.65
CA PRO A 168 -7.53 18.79 -3.25
C PRO A 168 -8.76 18.79 -4.17
N ALA A 169 -9.95 18.90 -3.58
CA ALA A 169 -11.23 19.00 -4.29
C ALA A 169 -11.54 17.80 -5.19
N PHE A 170 -11.03 16.64 -4.82
CA PHE A 170 -11.14 15.46 -5.66
C PHE A 170 -11.70 14.24 -4.91
N SER A 171 -12.30 14.47 -3.73
CA SER A 171 -12.61 13.34 -2.85
C SER A 171 -13.62 12.33 -3.42
N VAL A 172 -14.63 12.81 -4.13
CA VAL A 172 -15.64 11.93 -4.69
C VAL A 172 -15.01 11.05 -5.78
N TYR A 173 -14.32 11.68 -6.73
CA TYR A 173 -13.61 10.93 -7.77
C TYR A 173 -12.59 9.94 -7.19
N ALA A 174 -11.78 10.41 -6.25
CA ALA A 174 -10.76 9.57 -5.61
C ALA A 174 -11.37 8.34 -4.94
N ALA A 175 -12.45 8.56 -4.19
CA ALA A 175 -13.13 7.46 -3.50
C ALA A 175 -13.71 6.46 -4.50
N SER A 176 -14.25 6.98 -5.61
CA SER A 176 -14.77 6.12 -6.65
C SER A 176 -13.67 5.21 -7.23
N LYS A 177 -12.46 5.74 -7.37
CA LYS A 177 -11.38 4.95 -7.97
C LYS A 177 -10.74 3.97 -6.96
N ALA A 178 -10.83 4.29 -5.67
CA ALA A 178 -10.46 3.34 -4.61
C ALA A 178 -11.42 2.16 -4.61
N ALA A 179 -12.72 2.44 -4.70
CA ALA A 179 -13.75 1.39 -4.82
C ALA A 179 -13.47 0.50 -6.03
N LEU A 180 -13.15 1.13 -7.15
CA LEU A 180 -12.89 0.45 -8.41
C LEU A 180 -11.76 -0.57 -8.24
N ARG A 181 -10.66 -0.15 -7.62
CA ARG A 181 -9.52 -1.04 -7.44
C ARG A 181 -9.89 -2.24 -6.56
N SER A 182 -10.67 -1.99 -5.51
CA SER A 182 -11.12 -3.06 -4.61
C SER A 182 -11.79 -4.21 -5.37
N PHE A 183 -12.60 -3.86 -6.38
CA PHE A 183 -13.28 -4.88 -7.19
C PHE A 183 -12.36 -5.97 -7.73
N ALA A 184 -11.16 -5.59 -8.19
CA ALA A 184 -10.21 -6.57 -8.73
C ALA A 184 -9.73 -7.59 -7.68
N ARG A 185 -9.58 -7.14 -6.43
CA ARG A 185 -9.16 -8.02 -5.33
C ARG A 185 -10.24 -9.06 -5.02
N ASN A 186 -11.49 -8.65 -5.16
CA ASN A 186 -12.61 -9.43 -4.64
C ASN A 186 -13.26 -10.34 -5.67
N TRP A 187 -13.46 -9.81 -6.88
CA TRP A 187 -14.11 -10.58 -7.94
C TRP A 187 -13.30 -11.81 -8.34
N ILE A 188 -11.99 -11.75 -8.22
CA ILE A 188 -11.14 -12.91 -8.56
C ILE A 188 -11.40 -14.10 -7.64
N LEU A 189 -12.00 -13.83 -6.48
CA LEU A 189 -12.40 -14.89 -5.56
C LEU A 189 -13.79 -15.40 -5.92
N ASP A 190 -14.69 -14.48 -6.28
CA ASP A 190 -16.03 -14.84 -6.74
C ASP A 190 -15.96 -15.73 -7.99
N LEU A 191 -14.97 -15.47 -8.82
CA LEU A 191 -14.83 -16.14 -10.11
C LEU A 191 -13.81 -17.28 -10.07
N LYS A 192 -13.67 -17.88 -8.90
CA LYS A 192 -12.79 -19.04 -8.68
C LYS A 192 -13.02 -20.08 -9.77
N ASP A 193 -11.94 -20.49 -10.43
CA ASP A 193 -11.95 -21.57 -11.43
C ASP A 193 -12.65 -21.24 -12.77
N ARG A 194 -13.00 -19.98 -12.99
CA ARG A 194 -13.67 -19.56 -14.24
C ARG A 194 -12.71 -19.15 -15.35
N GLY A 195 -11.42 -19.04 -15.00
CA GLY A 195 -10.40 -18.63 -15.96
C GLY A 195 -10.58 -17.19 -16.46
N ILE A 196 -11.11 -16.33 -15.60
CA ILE A 196 -11.28 -14.90 -15.92
C ILE A 196 -10.34 -14.09 -15.02
N ARG A 197 -9.42 -13.35 -15.62
CA ARG A 197 -8.54 -12.47 -14.85
C ARG A 197 -9.14 -11.07 -14.75
N ILE A 198 -8.91 -10.41 -13.62
CA ILE A 198 -9.44 -9.06 -13.40
C ILE A 198 -8.28 -8.24 -12.86
N ASN A 199 -7.96 -7.14 -13.54
CA ASN A 199 -6.89 -6.25 -13.09
C ASN A 199 -7.27 -4.79 -13.20
N THR A 200 -6.65 -3.97 -12.36
CA THR A 200 -6.85 -2.53 -12.42
C THR A 200 -5.66 -1.91 -13.13
N LEU A 201 -5.95 -1.02 -14.08
CA LEU A 201 -4.94 -0.23 -14.76
C LEU A 201 -5.10 1.20 -14.27
N SER A 202 -4.08 1.75 -13.62
CA SER A 202 -4.22 3.05 -12.96
C SER A 202 -3.28 4.08 -13.53
N PRO A 203 -3.77 4.89 -14.49
CA PRO A 203 -2.95 5.96 -15.05
C PRO A 203 -2.78 7.11 -14.08
N GLY A 204 -1.62 7.75 -14.18
CA GLY A 204 -1.42 9.05 -13.57
C GLY A 204 -1.84 10.09 -14.61
N PRO A 205 -1.28 11.31 -14.50
CA PRO A 205 -1.59 12.40 -15.43
C PRO A 205 -1.27 12.04 -16.89
N THR A 206 -2.24 12.24 -17.76
CA THR A 206 -2.11 11.94 -19.18
C THR A 206 -2.66 13.12 -19.98
N GLU A 207 -2.03 13.43 -21.10
CA GLU A 207 -2.50 14.48 -22.00
C GLU A 207 -3.72 14.03 -22.81
N THR A 208 -4.88 14.00 -22.15
CA THR A 208 -6.14 13.64 -22.80
C THR A 208 -7.11 14.81 -22.75
N ASP A 218 -9.13 29.27 -20.92
CA ASP A 218 -9.35 27.83 -20.80
C ASP A 218 -8.19 27.02 -21.40
N PRO A 219 -7.83 27.28 -22.68
CA PRO A 219 -6.65 26.58 -23.24
C PRO A 219 -5.34 27.02 -22.57
N VAL A 220 -5.26 28.28 -22.16
CA VAL A 220 -4.10 28.82 -21.46
C VAL A 220 -3.95 28.15 -20.08
N GLN A 221 -5.07 28.04 -19.36
CA GLN A 221 -5.11 27.41 -18.05
C GLN A 221 -4.70 25.95 -18.10
N GLN A 222 -5.19 25.24 -19.12
CA GLN A 222 -4.90 23.82 -19.33
C GLN A 222 -3.40 23.56 -19.49
N GLN A 223 -2.72 24.42 -20.24
CA GLN A 223 -1.28 24.30 -20.45
C GLN A 223 -0.48 24.52 -19.16
N GLY A 224 -0.92 25.50 -18.37
CA GLY A 224 -0.31 25.80 -17.07
C GLY A 224 -0.48 24.68 -16.05
N LEU A 225 -1.61 23.99 -16.12
CA LEU A 225 -1.89 22.87 -15.21
C LEU A 225 -1.11 21.61 -15.60
N LEU A 226 -0.99 21.37 -16.91
CA LEU A 226 -0.19 20.24 -17.42
C LEU A 226 1.28 20.40 -17.05
N ASN A 227 1.77 21.64 -17.05
CA ASN A 227 3.13 21.96 -16.61
C ASN A 227 3.35 21.65 -15.12
N ALA A 228 2.36 21.98 -14.30
CA ALA A 228 2.39 21.71 -12.86
C ALA A 228 2.29 20.22 -12.57
N LEU A 229 1.45 19.52 -13.33
CA LEU A 229 1.31 18.07 -13.23
C LEU A 229 2.62 17.37 -13.60
N ALA A 230 3.23 17.79 -14.70
CA ALA A 230 4.51 17.22 -15.16
C ALA A 230 5.63 17.41 -14.14
N ALA A 231 5.61 18.53 -13.42
CA ALA A 231 6.61 18.82 -12.39
C ALA A 231 6.58 17.82 -11.24
N GLN A 232 5.40 17.28 -10.96
CA GLN A 232 5.22 16.26 -9.92
C GLN A 232 5.78 14.90 -10.34
N VAL A 233 5.74 14.62 -11.64
CA VAL A 233 6.06 13.28 -12.15
C VAL A 233 7.57 13.04 -12.19
N PRO A 234 8.05 11.96 -11.53
CA PRO A 234 9.48 11.63 -11.59
C PRO A 234 10.06 11.65 -13.01
N GLY A 236 9.12 13.52 -15.38
CA GLY A 236 9.18 14.93 -15.81
C GLY A 236 8.25 15.31 -16.94
N ARG A 237 7.27 14.45 -17.21
CA ARG A 237 6.28 14.67 -18.26
C ARG A 237 5.00 13.94 -17.91
N VAL A 238 3.89 14.34 -18.53
CA VAL A 238 2.65 13.56 -18.42
C VAL A 238 2.74 12.42 -19.43
N GLY A 239 1.89 11.40 -19.25
CA GLY A 239 1.88 10.27 -20.16
C GLY A 239 1.10 10.57 -21.41
N ARG A 240 1.36 9.78 -22.46
CA ARG A 240 0.55 9.84 -23.67
C ARG A 240 -0.48 8.72 -23.59
N ALA A 241 -1.65 8.94 -24.18
CA ALA A 241 -2.72 7.93 -24.18
C ALA A 241 -2.22 6.57 -24.72
N GLU A 242 -1.36 6.62 -25.74
CA GLU A 242 -0.79 5.41 -26.35
C GLU A 242 0.01 4.56 -25.35
N GLU A 243 0.64 5.22 -24.37
CA GLU A 243 1.43 4.52 -23.36
C GLU A 243 0.54 3.79 -22.38
N VAL A 244 -0.60 4.40 -22.05
CA VAL A 244 -1.57 3.74 -21.20
C VAL A 244 -2.20 2.58 -21.97
N ALA A 245 -2.47 2.79 -23.25
CA ALA A 245 -3.02 1.73 -24.12
C ALA A 245 -2.09 0.52 -24.19
N ALA A 246 -0.78 0.78 -24.22
CA ALA A 246 0.22 -0.29 -24.30
C ALA A 246 0.22 -1.16 -23.03
N ALA A 247 -0.02 -0.51 -21.90
CA ALA A 247 -0.11 -1.24 -20.63
C ALA A 247 -1.43 -1.99 -20.56
N ALA A 248 -2.50 -1.40 -21.10
CA ALA A 248 -3.78 -2.09 -21.20
C ALA A 248 -3.64 -3.35 -22.05
N LEU A 249 -2.87 -3.25 -23.13
CA LEU A 249 -2.58 -4.39 -24.00
C LEU A 249 -1.88 -5.51 -23.24
N PHE A 250 -0.89 -5.16 -22.43
CA PHE A 250 -0.21 -6.17 -21.60
C PHE A 250 -1.24 -6.96 -20.80
N LEU A 251 -2.10 -6.24 -20.07
CA LEU A 251 -3.11 -6.86 -19.23
C LEU A 251 -4.13 -7.68 -20.03
N ALA A 252 -4.47 -7.22 -21.23
CA ALA A 252 -5.43 -7.92 -22.09
C ALA A 252 -4.82 -9.18 -22.70
N SER A 253 -3.51 -9.16 -22.90
CA SER A 253 -2.79 -10.20 -23.64
C SER A 253 -2.41 -11.40 -22.78
N ASP A 254 -1.99 -12.48 -23.45
CA ASP A 254 -1.55 -13.69 -22.75
C ASP A 254 -0.25 -13.51 -21.95
N ASP A 255 0.50 -12.46 -22.25
CA ASP A 255 1.74 -12.16 -21.52
C ASP A 255 1.51 -11.93 -20.02
N SER A 256 0.29 -11.51 -19.65
CA SER A 256 -0.05 -11.29 -18.24
C SER A 256 -0.85 -12.46 -17.66
N SER A 257 -0.64 -13.67 -18.19
CA SER A 257 -1.46 -14.82 -17.79
C SER A 257 -1.40 -15.18 -16.30
N PHE A 258 -0.35 -14.78 -15.59
CA PHE A 258 -0.30 -15.04 -14.16
C PHE A 258 -0.48 -13.76 -13.32
N VAL A 259 -1.04 -12.74 -13.95
CA VAL A 259 -1.31 -11.46 -13.30
C VAL A 259 -2.82 -11.32 -13.14
N THR A 260 -3.27 -11.28 -11.90
CA THR A 260 -4.69 -11.09 -11.59
C THR A 260 -4.86 -10.47 -10.21
N GLY A 261 -5.92 -9.68 -10.06
CA GLY A 261 -6.22 -8.97 -8.80
C GLY A 261 -5.34 -7.74 -8.59
N ALA A 262 -4.49 -7.45 -9.57
CA ALA A 262 -3.40 -6.47 -9.41
C ALA A 262 -3.80 -5.06 -9.80
N GLU A 263 -2.98 -4.10 -9.38
CA GLU A 263 -3.12 -2.74 -9.84
C GLU A 263 -1.80 -2.33 -10.47
N LEU A 264 -1.84 -2.13 -11.79
CA LEU A 264 -0.69 -1.70 -12.56
C LEU A 264 -0.75 -0.19 -12.74
N PHE A 265 0.21 0.51 -12.13
CA PHE A 265 0.29 1.95 -12.26
C PHE A 265 1.06 2.33 -13.52
N VAL A 266 0.46 3.19 -14.33
CA VAL A 266 1.14 3.75 -15.50
C VAL A 266 1.14 5.26 -15.29
N ASP A 267 2.10 5.73 -14.50
CA ASP A 267 2.03 7.06 -13.90
C ASP A 267 3.35 7.83 -13.93
N GLY A 268 4.33 7.34 -14.67
CA GLY A 268 5.65 7.96 -14.70
C GLY A 268 6.30 8.08 -13.33
N GLY A 269 5.83 7.27 -12.39
CA GLY A 269 6.36 7.26 -11.05
C GLY A 269 5.58 8.10 -10.05
N SER A 270 4.56 8.81 -10.52
CA SER A 270 3.92 9.86 -9.71
C SER A 270 3.34 9.37 -8.38
N ALA A 271 2.69 8.20 -8.39
CA ALA A 271 2.12 7.64 -7.15
C ALA A 271 3.06 6.62 -6.50
N GLN A 272 4.28 6.51 -7.04
CA GLN A 272 5.25 5.54 -6.54
C GLN A 272 6.22 6.13 -5.51
N VAL A 273 6.31 7.46 -5.48
CA VAL A 273 7.24 8.18 -4.63
C VAL A 273 6.54 8.80 -3.41
N THR B 24 -8.27 7.91 33.73
CA THR B 24 -7.72 9.10 33.00
C THR B 24 -8.84 9.99 32.47
N GLN B 25 -8.49 11.21 32.06
CA GLN B 25 -9.46 12.15 31.48
C GLN B 25 -8.95 12.73 30.16
N ARG B 26 -8.72 11.85 29.19
CA ARG B 26 -8.09 12.23 27.93
C ARG B 26 -8.96 13.05 26.97
N LEU B 27 -10.27 13.06 27.21
CA LEU B 27 -11.20 13.87 26.42
C LEU B 27 -11.91 14.90 27.29
N ASN B 28 -11.20 15.37 28.31
CA ASN B 28 -11.70 16.41 29.21
C ASN B 28 -12.17 17.63 28.44
N ALA B 29 -13.39 18.06 28.75
CA ALA B 29 -14.02 19.24 28.13
C ALA B 29 -14.13 19.18 26.60
N LYS B 30 -14.23 17.97 26.05
CA LYS B 30 -14.43 17.78 24.62
C LYS B 30 -15.88 17.43 24.32
N ILE B 31 -16.38 17.89 23.17
CA ILE B 31 -17.69 17.50 22.69
C ILE B 31 -17.51 16.40 21.65
N ALA B 32 -18.11 15.25 21.91
CA ALA B 32 -18.02 14.11 20.99
C ALA B 32 -19.38 13.76 20.40
N VAL B 33 -19.41 13.58 19.08
CA VAL B 33 -20.60 13.11 18.38
C VAL B 33 -20.25 11.75 17.76
N ILE B 34 -21.05 10.74 18.07
CA ILE B 34 -20.81 9.40 17.54
C ILE B 34 -22.06 8.92 16.82
N THR B 35 -21.95 8.72 15.51
CA THR B 35 -23.09 8.19 14.75
C THR B 35 -23.03 6.67 14.76
N GLY B 36 -24.19 6.04 14.86
CA GLY B 36 -24.29 4.58 14.97
C GLY B 36 -23.64 4.05 16.24
N ALA B 37 -24.18 4.46 17.39
CA ALA B 37 -23.56 4.15 18.68
C ALA B 37 -24.48 3.38 19.64
N THR B 38 -25.47 2.67 19.09
CA THR B 38 -26.43 1.94 19.92
C THR B 38 -26.02 0.50 20.22
N SER B 39 -25.02 0.00 19.49
CA SER B 39 -24.50 -1.35 19.71
C SER B 39 -23.05 -1.44 19.22
N GLY B 40 -22.40 -2.56 19.56
CA GLY B 40 -21.08 -2.91 19.05
C GLY B 40 -20.00 -1.89 19.35
N ILE B 41 -19.23 -1.55 18.31
CA ILE B 41 -18.09 -0.65 18.43
C ILE B 41 -18.51 0.77 18.82
N GLY B 42 -19.55 1.28 18.16
CA GLY B 42 -20.09 2.61 18.45
C GLY B 42 -20.46 2.78 19.92
N LEU B 43 -21.16 1.79 20.46
CA LEU B 43 -21.56 1.80 21.87
C LEU B 43 -20.36 1.75 22.81
N ALA B 44 -19.39 0.89 22.50
CA ALA B 44 -18.17 0.79 23.29
C ALA B 44 -17.38 2.09 23.30
N ALA B 45 -17.36 2.78 22.16
CA ALA B 45 -16.65 4.04 22.04
C ALA B 45 -17.33 5.14 22.86
N ALA B 46 -18.67 5.17 22.80
CA ALA B 46 -19.43 6.14 23.59
C ALA B 46 -19.15 5.98 25.09
N LYS B 47 -19.16 4.73 25.58
CA LYS B 47 -18.82 4.43 26.96
C LYS B 47 -17.42 4.91 27.34
N ARG B 48 -16.43 4.59 26.50
CA ARG B 48 -15.05 4.99 26.75
C ARG B 48 -14.86 6.51 26.68
N PHE B 49 -15.53 7.16 25.72
CA PHE B 49 -15.41 8.60 25.57
C PHE B 49 -15.95 9.36 26.79
N VAL B 50 -17.11 8.90 27.30
CA VAL B 50 -17.72 9.44 28.52
C VAL B 50 -16.79 9.21 29.72
N ALA B 51 -16.25 8.00 29.83
CA ALA B 51 -15.28 7.67 30.89
C ALA B 51 -14.06 8.60 30.86
N GLU B 52 -13.71 9.06 29.67
CA GLU B 52 -12.57 9.96 29.48
C GLU B 52 -12.95 11.45 29.59
N GLY B 53 -14.19 11.73 29.97
CA GLY B 53 -14.61 13.09 30.29
C GLY B 53 -15.30 13.86 29.18
N ALA B 54 -15.59 13.18 28.07
CA ALA B 54 -16.27 13.84 26.95
C ALA B 54 -17.75 14.05 27.23
N ARG B 55 -18.30 15.12 26.65
CA ARG B 55 -19.74 15.32 26.59
C ARG B 55 -20.20 14.70 25.27
N VAL B 56 -21.00 13.64 25.36
CA VAL B 56 -21.27 12.78 24.22
C VAL B 56 -22.69 12.92 23.67
N PHE B 57 -22.78 13.08 22.35
CA PHE B 57 -24.04 12.97 21.61
C PHE B 57 -23.98 11.73 20.73
N ILE B 58 -24.99 10.87 20.81
CA ILE B 58 -25.04 9.68 19.95
C ILE B 58 -26.28 9.64 19.04
N THR B 59 -26.20 8.89 17.96
CA THR B 59 -27.36 8.62 17.10
C THR B 59 -27.65 7.14 16.92
N GLY B 60 -28.91 6.83 16.69
CA GLY B 60 -29.36 5.49 16.35
C GLY B 60 -30.68 5.59 15.60
N ARG B 61 -30.96 4.60 14.75
CA ARG B 61 -32.18 4.61 13.95
C ARG B 61 -33.43 4.25 14.75
N ARG B 62 -33.27 3.38 15.74
CA ARG B 62 -34.42 2.86 16.48
C ARG B 62 -34.48 3.36 17.92
N LYS B 63 -35.66 3.86 18.30
CA LYS B 63 -35.88 4.52 19.60
C LYS B 63 -35.60 3.63 20.81
N ASP B 64 -36.07 2.39 20.77
CA ASP B 64 -35.93 1.47 21.90
C ASP B 64 -34.48 1.10 22.21
N VAL B 65 -33.71 0.78 21.17
CA VAL B 65 -32.28 0.46 21.36
C VAL B 65 -31.47 1.71 21.73
N LEU B 66 -31.92 2.88 21.26
CA LEU B 66 -31.27 4.15 21.58
C LEU B 66 -31.49 4.52 23.05
N ASP B 67 -32.72 4.38 23.52
CA ASP B 67 -33.04 4.63 24.93
C ASP B 67 -32.25 3.70 25.84
N ALA B 68 -32.16 2.42 25.47
CA ALA B 68 -31.39 1.44 26.22
C ALA B 68 -29.90 1.81 26.25
N ALA B 69 -29.38 2.24 25.10
CA ALA B 69 -27.98 2.65 24.96
C ALA B 69 -27.64 3.87 25.80
N ILE B 70 -28.49 4.90 25.75
CA ILE B 70 -28.30 6.11 26.55
C ILE B 70 -28.26 5.78 28.05
N ALA B 71 -29.15 4.89 28.47
CA ALA B 71 -29.20 4.44 29.87
C ALA B 71 -27.90 3.71 30.26
N GLU B 72 -27.40 2.86 29.36
CA GLU B 72 -26.19 2.07 29.60
C GLU B 72 -24.92 2.92 29.60
N ILE B 73 -24.85 3.88 28.67
CA ILE B 73 -23.68 4.77 28.58
C ILE B 73 -23.56 5.65 29.82
N GLY B 74 -24.69 6.21 30.26
CA GLY B 74 -24.73 7.11 31.41
C GLY B 74 -23.93 8.38 31.17
N GLY B 75 -23.50 9.02 32.26
CA GLY B 75 -22.62 10.19 32.20
C GLY B 75 -23.16 11.38 31.44
N GLY B 76 -24.48 11.53 31.41
CA GLY B 76 -25.12 12.67 30.77
C GLY B 76 -25.13 12.63 29.26
N ALA B 77 -24.91 11.44 28.70
CA ALA B 77 -24.95 11.25 27.24
C ALA B 77 -26.34 11.56 26.70
N VAL B 78 -26.37 12.18 25.52
CA VAL B 78 -27.61 12.58 24.85
C VAL B 78 -27.78 11.79 23.56
N GLY B 79 -28.99 11.33 23.31
CA GLY B 79 -29.29 10.52 22.14
C GLY B 79 -30.26 11.19 21.19
N ILE B 80 -29.99 11.09 19.90
CA ILE B 80 -30.86 11.64 18.87
C ILE B 80 -31.23 10.53 17.88
N GLN B 81 -32.53 10.28 17.72
CA GLN B 81 -32.98 9.27 16.77
C GLN B 81 -32.86 9.82 15.34
N ALA B 82 -31.87 9.31 14.60
CA ALA B 82 -31.57 9.80 13.26
C ALA B 82 -30.97 8.72 12.38
N ASP B 83 -31.40 8.72 11.13
CA ASP B 83 -30.80 7.88 10.09
C ASP B 83 -29.64 8.67 9.50
N SER B 84 -28.41 8.24 9.81
CA SER B 84 -27.19 8.95 9.43
C SER B 84 -27.00 9.11 7.92
N ALA B 85 -27.68 8.27 7.15
CA ALA B 85 -27.62 8.31 5.69
C ALA B 85 -28.61 9.30 5.09
N ASN B 86 -29.61 9.69 5.89
CA ASN B 86 -30.63 10.66 5.47
C ASN B 86 -30.16 12.10 5.72
N LEU B 87 -30.05 12.88 4.64
CA LEU B 87 -29.48 14.23 4.71
C LEU B 87 -30.28 15.21 5.56
N ALA B 88 -31.61 15.11 5.54
CA ALA B 88 -32.46 16.01 6.31
C ALA B 88 -32.39 15.75 7.82
N GLU B 89 -32.18 14.49 8.18
CA GLU B 89 -32.06 14.10 9.59
C GLU B 89 -30.71 14.50 10.16
N LEU B 90 -29.69 14.52 9.30
CA LEU B 90 -28.38 15.06 9.67
C LEU B 90 -28.46 16.54 10.02
N ASP B 91 -29.27 17.29 9.26
CA ASP B 91 -29.51 18.70 9.56
C ASP B 91 -30.05 18.89 10.97
N ARG B 92 -31.00 18.05 11.37
CA ARG B 92 -31.61 18.10 12.70
C ARG B 92 -30.64 17.73 13.81
N LEU B 93 -29.79 16.73 13.55
CA LEU B 93 -28.74 16.35 14.50
C LEU B 93 -27.82 17.53 14.81
N TYR B 94 -27.35 18.20 13.75
CA TYR B 94 -26.39 19.28 13.93
C TYR B 94 -27.00 20.57 14.46
N GLU B 95 -28.29 20.76 14.21
CA GLU B 95 -29.03 21.86 14.84
C GLU B 95 -29.05 21.66 16.35
N LYS B 96 -29.33 20.42 16.78
CA LYS B 96 -29.35 20.07 18.20
C LYS B 96 -27.98 20.23 18.86
N VAL B 97 -26.93 19.72 18.20
CA VAL B 97 -25.57 19.85 18.72
C VAL B 97 -25.16 21.32 18.83
N LYS B 98 -25.48 22.13 17.83
CA LYS B 98 -25.15 23.56 17.86
C LYS B 98 -25.82 24.27 19.03
N ALA B 99 -27.11 24.02 19.22
CA ALA B 99 -27.89 24.66 20.29
C ALA B 99 -27.44 24.25 21.69
N GLU B 100 -27.11 22.97 21.84
CA GLU B 100 -26.80 22.41 23.15
C GLU B 100 -25.32 22.41 23.52
N ALA B 101 -24.43 22.38 22.51
CA ALA B 101 -22.99 22.33 22.76
C ALA B 101 -22.18 23.41 22.05
N GLY B 102 -22.60 23.81 20.85
CA GLY B 102 -21.96 24.92 20.13
C GLY B 102 -20.77 24.57 19.26
N ARG B 103 -20.25 23.36 19.44
CA ARG B 103 -19.06 22.89 18.70
C ARG B 103 -19.00 21.36 18.68
N ILE B 104 -18.11 20.83 17.83
CA ILE B 104 -17.75 19.42 17.87
C ILE B 104 -16.23 19.31 17.91
N ASP B 105 -15.72 18.57 18.89
CA ASP B 105 -14.27 18.32 19.00
C ASP B 105 -13.89 16.93 18.48
N VAL B 106 -14.83 16.00 18.57
CA VAL B 106 -14.59 14.63 18.14
C VAL B 106 -15.83 14.14 17.38
N LEU B 107 -15.64 13.73 16.13
CA LEU B 107 -16.70 13.13 15.35
C LEU B 107 -16.31 11.70 14.98
N PHE B 108 -17.05 10.74 15.51
CA PHE B 108 -16.81 9.33 15.21
C PHE B 108 -17.97 8.81 14.37
N VAL B 109 -17.68 8.60 13.08
CA VAL B 109 -18.69 8.17 12.11
C VAL B 109 -18.62 6.65 11.98
N ASN B 110 -19.54 5.99 12.67
CA ASN B 110 -19.52 4.54 12.76
C ASN B 110 -20.65 3.93 11.94
N ALA B 111 -20.71 4.32 10.66
CA ALA B 111 -21.62 3.71 9.71
C ALA B 111 -21.03 2.39 9.28
N GLY B 112 -21.89 1.40 9.12
CA GLY B 112 -21.44 0.09 8.69
C GLY B 112 -22.57 -0.69 8.06
N GLY B 113 -22.43 -2.01 8.05
CA GLY B 113 -23.44 -2.85 7.48
C GLY B 113 -23.17 -3.15 6.03
N GLY B 114 -23.73 -4.27 5.62
CA GLY B 114 -23.57 -4.79 4.28
C GLY B 114 -24.06 -6.21 4.34
N SER B 115 -23.91 -6.92 3.23
CA SER B 115 -24.32 -8.30 3.14
C SER B 115 -23.40 -9.02 2.18
N LEU B 117 -23.01 -11.16 -1.33
CA LEU B 117 -23.46 -11.65 -2.63
C LEU B 117 -22.25 -11.73 -3.57
N PRO B 118 -22.07 -12.85 -4.28
CA PRO B 118 -20.98 -12.95 -5.25
C PRO B 118 -21.30 -12.21 -6.54
N LEU B 119 -20.26 -11.82 -7.29
CA LEU B 119 -20.46 -11.27 -8.62
C LEU B 119 -21.21 -12.31 -9.46
N GLY B 120 -22.24 -11.86 -10.16
CA GLY B 120 -23.19 -12.73 -10.84
C GLY B 120 -24.54 -12.70 -10.16
N GLU B 121 -24.55 -12.38 -8.87
CA GLU B 121 -25.78 -12.32 -8.06
C GLU B 121 -26.00 -10.98 -7.38
N VAL B 122 -25.10 -10.03 -7.62
CA VAL B 122 -25.22 -8.70 -7.02
C VAL B 122 -26.44 -7.96 -7.55
N THR B 123 -27.22 -7.39 -6.63
CA THR B 123 -28.44 -6.66 -6.98
C THR B 123 -28.21 -5.16 -6.84
N GLU B 124 -29.00 -4.37 -7.58
CA GLU B 124 -29.01 -2.93 -7.39
C GLU B 124 -29.30 -2.56 -5.94
N GLU B 125 -30.21 -3.31 -5.32
CA GLU B 125 -30.58 -3.11 -3.91
C GLU B 125 -29.37 -3.21 -2.98
N GLN B 126 -28.56 -4.24 -3.15
CA GLN B 126 -27.38 -4.41 -2.30
C GLN B 126 -26.41 -3.26 -2.53
N TYR B 127 -26.14 -2.94 -3.80
CA TYR B 127 -25.23 -1.85 -4.11
C TYR B 127 -25.71 -0.55 -3.48
N ASP B 128 -26.95 -0.16 -3.80
CA ASP B 128 -27.53 1.10 -3.33
C ASP B 128 -27.52 1.20 -1.80
N ASP B 129 -28.03 0.18 -1.12
CA ASP B 129 -28.11 0.21 0.35
C ASP B 129 -26.73 0.32 0.99
N THR B 130 -25.78 -0.47 0.47
CA THR B 130 -24.42 -0.49 1.04
C THR B 130 -23.72 0.84 0.82
N PHE B 131 -23.73 1.34 -0.41
CA PHE B 131 -23.07 2.61 -0.70
C PHE B 131 -23.77 3.84 -0.10
N ASP B 132 -25.09 3.84 -0.06
CA ASP B 132 -25.83 4.96 0.55
C ASP B 132 -25.45 5.13 2.03
N ARG B 133 -25.25 4.02 2.73
CA ARG B 133 -24.92 4.05 4.16
C ARG B 133 -23.43 4.22 4.41
N ASN B 134 -22.61 3.46 3.70
CA ASN B 134 -21.16 3.39 3.99
C ASN B 134 -20.30 4.47 3.35
N VAL B 135 -20.81 5.11 2.31
CA VAL B 135 -20.04 6.11 1.56
C VAL B 135 -20.79 7.44 1.51
N LYS B 136 -21.92 7.47 0.80
CA LYS B 136 -22.71 8.70 0.66
C LYS B 136 -23.08 9.30 2.02
N GLY B 137 -23.64 8.45 2.89
CA GLY B 137 -24.07 8.87 4.23
C GLY B 137 -22.92 9.46 5.03
N VAL B 138 -21.74 8.84 4.91
CA VAL B 138 -20.56 9.30 5.62
C VAL B 138 -20.10 10.66 5.10
N LEU B 139 -20.02 10.80 3.78
CA LEU B 139 -19.62 12.07 3.18
C LEU B 139 -20.49 13.20 3.72
N PHE B 140 -21.80 13.01 3.73
CA PHE B 140 -22.69 14.09 4.16
C PHE B 140 -22.75 14.29 5.67
N THR B 141 -22.54 13.22 6.43
CA THR B 141 -22.37 13.33 7.88
C THR B 141 -21.19 14.26 8.21
N VAL B 142 -20.06 14.06 7.54
CA VAL B 142 -18.88 14.87 7.79
C VAL B 142 -19.05 16.29 7.22
N GLN B 143 -19.57 16.39 6.00
CA GLN B 143 -19.76 17.69 5.37
C GLN B 143 -20.63 18.60 6.24
N LYS B 144 -21.72 18.04 6.75
CA LYS B 144 -22.66 18.83 7.56
C LYS B 144 -22.11 19.17 8.95
N ALA B 145 -21.13 18.40 9.41
CA ALA B 145 -20.47 18.69 10.69
C ALA B 145 -19.44 19.83 10.59
N LEU B 146 -18.99 20.14 9.37
CA LEU B 146 -17.86 21.07 9.19
C LEU B 146 -17.97 22.39 9.94
N PRO B 147 -19.11 23.10 9.81
CA PRO B 147 -19.23 24.39 10.50
C PRO B 147 -19.02 24.31 12.02
N LEU B 148 -19.32 23.16 12.61
CA LEU B 148 -19.15 22.96 14.06
C LEU B 148 -17.75 22.47 14.47
N LEU B 149 -17.02 21.84 13.55
CA LEU B 149 -15.72 21.26 13.89
C LEU B 149 -14.66 22.30 14.29
N ALA B 150 -14.26 22.23 15.56
CA ALA B 150 -13.34 23.21 16.13
C ALA B 150 -11.91 22.99 15.65
N ARG B 151 -11.06 23.98 15.89
CA ARG B 151 -9.62 23.80 15.72
C ARG B 151 -9.16 22.71 16.70
N GLY B 152 -8.32 21.80 16.22
CA GLY B 152 -7.81 20.69 17.04
C GLY B 152 -8.82 19.56 17.17
N SER B 153 -9.81 19.53 16.27
CA SER B 153 -10.81 18.45 16.27
C SER B 153 -10.31 17.23 15.51
N SER B 154 -10.98 16.11 15.75
CA SER B 154 -10.58 14.83 15.19
C SER B 154 -11.80 14.07 14.69
N VAL B 155 -11.75 13.69 13.42
CA VAL B 155 -12.82 12.92 12.78
C VAL B 155 -12.29 11.51 12.57
N VAL B 156 -13.03 10.54 13.08
CA VAL B 156 -12.67 9.13 12.96
C VAL B 156 -13.74 8.44 12.14
N LEU B 157 -13.31 7.80 11.05
CA LEU B 157 -14.21 7.09 10.16
C LEU B 157 -14.00 5.59 10.32
N THR B 158 -15.08 4.85 10.50
CA THR B 158 -14.96 3.39 10.62
C THR B 158 -14.83 2.71 9.26
N GLY B 159 -13.64 2.18 9.01
CA GLY B 159 -13.37 1.42 7.80
C GLY B 159 -13.48 -0.07 8.09
N SER B 160 -12.69 -0.87 7.37
CA SER B 160 -12.67 -2.31 7.56
C SER B 160 -11.46 -2.89 6.87
N THR B 161 -10.92 -3.98 7.42
CA THR B 161 -9.93 -4.78 6.71
C THR B 161 -10.42 -5.20 5.32
N ALA B 162 -11.73 -5.32 5.15
CA ALA B 162 -12.29 -5.68 3.84
C ALA B 162 -11.90 -4.69 2.74
N GLY B 163 -11.67 -3.43 3.13
CA GLY B 163 -11.34 -2.35 2.19
C GLY B 163 -10.00 -2.52 1.49
N SER B 164 -9.14 -3.38 2.03
CA SER B 164 -7.81 -3.60 1.42
C SER B 164 -7.48 -5.07 1.16
N THR B 165 -8.48 -5.94 1.28
CA THR B 165 -8.29 -7.37 1.09
C THR B 165 -9.35 -7.93 0.14
N GLY B 166 -9.22 -9.22 -0.15
CA GLY B 166 -10.19 -9.94 -0.96
C GLY B 166 -10.91 -10.97 -0.11
N THR B 167 -12.24 -11.00 -0.24
CA THR B 167 -13.10 -11.92 0.49
C THR B 167 -14.20 -12.37 -0.47
N PRO B 168 -14.48 -13.69 -0.53
CA PRO B 168 -15.57 -14.14 -1.40
C PRO B 168 -16.93 -13.52 -1.05
N ALA B 169 -17.69 -13.15 -2.07
CA ALA B 169 -19.05 -12.60 -1.95
C ALA B 169 -19.13 -11.33 -1.12
N PHE B 170 -18.06 -10.54 -1.08
CA PHE B 170 -18.02 -9.35 -0.24
C PHE B 170 -17.67 -8.08 -1.04
N SER B 171 -17.75 -8.14 -2.37
CA SER B 171 -17.19 -7.07 -3.20
C SER B 171 -17.85 -5.69 -3.02
N VAL B 172 -19.17 -5.66 -2.87
CA VAL B 172 -19.85 -4.40 -2.68
C VAL B 172 -19.42 -3.78 -1.36
N TYR B 173 -19.42 -4.57 -0.28
CA TYR B 173 -19.00 -4.06 1.03
C TYR B 173 -17.54 -3.64 1.02
N ALA B 174 -16.68 -4.50 0.48
CA ALA B 174 -15.24 -4.21 0.39
C ALA B 174 -14.98 -2.90 -0.36
N ALA B 175 -15.66 -2.72 -1.50
CA ALA B 175 -15.48 -1.50 -2.29
C ALA B 175 -15.95 -0.26 -1.52
N SER B 176 -17.04 -0.40 -0.77
CA SER B 176 -17.56 0.71 0.01
C SER B 176 -16.54 1.16 1.05
N LYS B 177 -15.85 0.18 1.65
CA LYS B 177 -14.89 0.48 2.69
C LYS B 177 -13.55 0.99 2.16
N ALA B 178 -13.23 0.62 0.91
CA ALA B 178 -12.09 1.21 0.21
C ALA B 178 -12.36 2.69 -0.09
N ALA B 179 -13.59 2.98 -0.54
CA ALA B 179 -14.01 4.36 -0.77
C ALA B 179 -13.93 5.17 0.53
N LEU B 180 -14.43 4.58 1.61
CA LEU B 180 -14.39 5.19 2.93
C LEU B 180 -12.97 5.62 3.31
N ARG B 181 -12.01 4.72 3.17
CA ARG B 181 -10.63 5.03 3.58
C ARG B 181 -10.04 6.17 2.74
N SER B 182 -10.39 6.22 1.45
CA SER B 182 -9.90 7.27 0.54
C SER B 182 -10.26 8.67 1.04
N PHE B 183 -11.45 8.78 1.61
CA PHE B 183 -11.93 10.06 2.14
C PHE B 183 -10.91 10.71 3.09
N ALA B 184 -10.27 9.92 3.95
CA ALA B 184 -9.31 10.47 4.91
C ALA B 184 -8.07 11.06 4.23
N ARG B 185 -7.61 10.45 3.13
CA ARG B 185 -6.47 10.96 2.37
C ARG B 185 -6.76 12.32 1.72
N ASN B 186 -8.01 12.49 1.30
CA ASN B 186 -8.38 13.62 0.46
C ASN B 186 -8.94 14.81 1.22
N TRP B 187 -9.81 14.54 2.19
CA TRP B 187 -10.46 15.62 2.93
C TRP B 187 -9.46 16.46 3.73
N ILE B 188 -8.36 15.85 4.17
CA ILE B 188 -7.31 16.59 4.91
C ILE B 188 -6.67 17.69 4.05
N LEU B 189 -6.79 17.55 2.74
CA LEU B 189 -6.29 18.58 1.83
C LEU B 189 -7.34 19.67 1.60
N ASP B 190 -8.62 19.28 1.55
CA ASP B 190 -9.72 20.25 1.44
C ASP B 190 -9.79 21.16 2.67
N LEU B 191 -9.38 20.63 3.81
CA LEU B 191 -9.48 21.33 5.09
C LEU B 191 -8.14 21.84 5.56
N LYS B 192 -7.25 22.13 4.62
CA LYS B 192 -5.94 22.72 4.90
C LYS B 192 -6.08 23.93 5.85
N ASP B 193 -5.29 23.90 6.93
CA ASP B 193 -5.22 25.00 7.92
C ASP B 193 -6.42 25.13 8.88
N ARG B 194 -7.43 24.27 8.75
CA ARG B 194 -8.59 24.28 9.66
C ARG B 194 -8.30 23.61 11.01
N GLY B 195 -7.20 22.87 11.10
CA GLY B 195 -6.88 22.13 12.33
C GLY B 195 -7.83 20.98 12.60
N ILE B 196 -8.27 20.33 11.53
CA ILE B 196 -9.17 19.19 11.63
C ILE B 196 -8.44 17.96 11.11
N ARG B 197 -8.26 16.97 11.98
CA ARG B 197 -7.64 15.70 11.55
C ARG B 197 -8.72 14.72 11.13
N ILE B 198 -8.40 13.89 10.14
CA ILE B 198 -9.34 12.89 9.66
C ILE B 198 -8.57 11.59 9.49
N ASN B 199 -9.06 10.53 10.15
CA ASN B 199 -8.39 9.23 10.12
C ASN B 199 -9.40 8.10 9.95
N THR B 200 -8.95 7.02 9.33
CA THR B 200 -9.73 5.81 9.20
C THR B 200 -9.32 4.80 10.26
N LEU B 201 -10.31 4.23 10.93
CA LEU B 201 -10.10 3.17 11.90
C LEU B 201 -10.68 1.90 11.30
N SER B 202 -9.81 0.92 11.06
CA SER B 202 -10.22 -0.27 10.32
C SER B 202 -10.12 -1.56 11.12
N PRO B 203 -11.24 -1.97 11.72
CA PRO B 203 -11.25 -3.21 12.47
C PRO B 203 -11.24 -4.42 11.55
N GLY B 204 -10.61 -5.49 12.01
CA GLY B 204 -10.75 -6.80 11.41
C GLY B 204 -11.95 -7.48 12.05
N PRO B 205 -11.92 -8.83 12.13
CA PRO B 205 -13.00 -9.55 12.77
C PRO B 205 -13.15 -9.16 14.25
N THR B 206 -14.37 -8.81 14.66
CA THR B 206 -14.67 -8.51 16.06
C THR B 206 -15.82 -9.37 16.59
N GLU B 207 -15.94 -9.41 17.92
CA GLU B 207 -16.99 -10.16 18.62
C GLU B 207 -18.39 -9.75 18.16
N ALA B 230 -11.27 -16.44 12.77
CA ALA B 230 -10.38 -16.52 13.94
C ALA B 230 -9.06 -17.22 13.62
N ALA B 231 -9.14 -18.35 12.93
CA ALA B 231 -7.96 -19.15 12.54
C ALA B 231 -6.99 -18.38 11.64
N GLN B 232 -7.53 -17.45 10.85
CA GLN B 232 -6.74 -16.64 9.93
C GLN B 232 -6.00 -15.48 10.61
N VAL B 233 -6.52 -15.03 11.75
CA VAL B 233 -5.94 -13.93 12.53
C VAL B 233 -4.65 -14.37 13.21
N PRO B 234 -3.53 -13.66 12.95
CA PRO B 234 -2.27 -14.00 13.61
C PRO B 234 -2.38 -14.10 15.12
N GLY B 236 -4.90 -15.15 16.71
CA GLY B 236 -5.67 -16.38 16.99
C GLY B 236 -7.05 -16.18 17.58
N ARG B 237 -7.56 -14.95 17.50
CA ARG B 237 -8.86 -14.61 18.09
C ARG B 237 -9.47 -13.39 17.41
N VAL B 238 -10.77 -13.20 17.58
CA VAL B 238 -11.44 -11.98 17.10
C VAL B 238 -11.22 -10.84 18.11
N GLY B 239 -11.39 -9.62 17.64
CA GLY B 239 -11.22 -8.44 18.50
C GLY B 239 -12.43 -8.17 19.37
N ARG B 240 -12.20 -7.51 20.50
CA ARG B 240 -13.30 -7.08 21.37
C ARG B 240 -13.68 -5.65 21.03
N ALA B 241 -14.95 -5.32 21.25
CA ALA B 241 -15.45 -3.97 20.96
C ALA B 241 -14.65 -2.89 21.69
N GLU B 242 -14.30 -3.14 22.95
CA GLU B 242 -13.52 -2.19 23.76
C GLU B 242 -12.14 -1.95 23.19
N GLU B 243 -11.61 -2.94 22.47
CA GLU B 243 -10.29 -2.80 21.85
C GLU B 243 -10.33 -1.85 20.65
N VAL B 244 -11.41 -1.92 19.89
CA VAL B 244 -11.60 -1.00 18.77
C VAL B 244 -11.88 0.40 19.34
N ALA B 245 -12.68 0.47 20.40
CA ALA B 245 -12.96 1.72 21.07
C ALA B 245 -11.71 2.40 21.65
N ALA B 246 -10.75 1.59 22.14
CA ALA B 246 -9.50 2.13 22.66
C ALA B 246 -8.66 2.77 21.56
N ALA B 247 -8.65 2.15 20.38
CA ALA B 247 -7.95 2.71 19.22
C ALA B 247 -8.67 3.96 18.72
N ALA B 248 -10.01 3.94 18.74
CA ALA B 248 -10.80 5.13 18.43
C ALA B 248 -10.42 6.29 19.36
N LEU B 249 -10.30 5.99 20.65
CA LEU B 249 -9.86 6.99 21.63
C LEU B 249 -8.50 7.60 21.30
N PHE B 250 -7.55 6.75 20.88
CA PHE B 250 -6.24 7.25 20.51
C PHE B 250 -6.36 8.32 19.43
N LEU B 251 -7.12 7.99 18.37
CA LEU B 251 -7.31 8.90 17.24
C LEU B 251 -8.09 10.15 17.62
N ALA B 252 -9.07 9.99 18.51
CA ALA B 252 -9.87 11.11 19.00
C ALA B 252 -9.04 12.08 19.87
N SER B 253 -8.08 11.52 20.60
CA SER B 253 -7.33 12.28 21.62
C SER B 253 -6.15 13.05 21.07
N ASP B 254 -5.58 13.92 21.91
CA ASP B 254 -4.39 14.71 21.55
C ASP B 254 -3.11 13.87 21.38
N ASP B 255 -3.13 12.63 21.87
CA ASP B 255 -1.98 11.73 21.73
C ASP B 255 -1.69 11.44 20.25
N SER B 256 -2.71 11.59 19.40
CA SER B 256 -2.53 11.35 17.97
C SER B 256 -2.41 12.66 17.18
N SER B 257 -1.88 13.71 17.83
CA SER B 257 -1.89 15.05 17.24
C SER B 257 -1.16 15.21 15.89
N PHE B 258 -0.24 14.30 15.56
CA PHE B 258 0.44 14.36 14.26
C PHE B 258 0.05 13.18 13.36
N VAL B 259 -1.07 12.54 13.70
CA VAL B 259 -1.61 11.45 12.89
C VAL B 259 -2.84 11.97 12.14
N THR B 260 -2.77 11.99 10.81
CA THR B 260 -3.90 12.43 9.99
C THR B 260 -3.78 11.80 8.60
N GLY B 261 -4.93 11.56 7.97
CA GLY B 261 -5.02 10.93 6.65
C GLY B 261 -4.76 9.43 6.72
N ALA B 262 -4.60 8.91 7.94
CA ALA B 262 -4.08 7.56 8.15
C ALA B 262 -5.17 6.50 8.21
N GLU B 263 -4.74 5.25 8.14
CA GLU B 263 -5.61 4.10 8.38
C GLU B 263 -4.99 3.23 9.47
N LEU B 264 -5.63 3.23 10.63
CA LEU B 264 -5.19 2.44 11.78
C LEU B 264 -5.95 1.12 11.82
N PHE B 265 -5.23 0.02 11.56
CA PHE B 265 -5.82 -1.32 11.59
C PHE B 265 -5.86 -1.86 13.01
N VAL B 266 -7.03 -2.35 13.41
CA VAL B 266 -7.23 -3.02 14.71
C VAL B 266 -7.77 -4.39 14.36
N ASP B 267 -6.86 -5.29 13.96
CA ASP B 267 -7.24 -6.51 13.24
C ASP B 267 -6.49 -7.78 13.70
N GLY B 268 -5.76 -7.69 14.81
CA GLY B 268 -4.97 -8.84 15.28
C GLY B 268 -3.93 -9.31 14.29
N GLY B 269 -3.56 -8.43 13.35
CA GLY B 269 -2.61 -8.77 12.30
C GLY B 269 -3.25 -9.28 11.00
N SER B 270 -4.58 -9.42 10.99
CA SER B 270 -5.32 -10.03 9.88
C SER B 270 -4.94 -9.52 8.48
N ALA B 271 -4.93 -8.18 8.35
CA ALA B 271 -4.67 -7.54 7.07
C ALA B 271 -3.22 -7.06 6.96
N GLN B 272 -2.38 -7.49 7.89
CA GLN B 272 -0.96 -7.12 7.89
C GLN B 272 -0.07 -8.19 7.29
N VAL B 273 -0.59 -9.42 7.19
CA VAL B 273 0.18 -10.55 6.68
C VAL B 273 -0.19 -10.92 5.24
N THR C 24 -2.13 10.22 35.30
CA THR C 24 -2.20 9.14 34.28
C THR C 24 -1.03 8.17 34.45
N GLN C 25 -1.35 6.90 34.72
CA GLN C 25 -0.33 5.86 34.83
C GLN C 25 -0.64 4.71 33.86
N ARG C 26 -0.50 4.98 32.57
CA ARG C 26 -0.92 4.03 31.54
C ARG C 26 0.08 2.90 31.30
N LEU C 27 1.27 3.02 31.87
CA LEU C 27 2.26 1.93 31.83
C LEU C 27 2.64 1.48 33.23
N ASN C 28 1.67 1.56 34.15
CA ASN C 28 1.89 1.16 35.54
C ASN C 28 2.37 -0.29 35.65
N ALA C 29 3.47 -0.48 36.39
CA ALA C 29 4.06 -1.79 36.66
C ALA C 29 4.51 -2.54 35.39
N LYS C 30 4.93 -1.77 34.38
CA LYS C 30 5.48 -2.36 33.17
C LYS C 30 6.97 -2.11 33.13
N ILE C 31 7.73 -3.10 32.68
CA ILE C 31 9.16 -2.94 32.45
C ILE C 31 9.37 -2.56 31.00
N ALA C 32 10.01 -1.41 30.78
CA ALA C 32 10.27 -0.91 29.43
C ALA C 32 11.76 -0.80 29.14
N VAL C 33 12.17 -1.38 28.02
CA VAL C 33 13.52 -1.22 27.51
C VAL C 33 13.45 -0.42 26.21
N ILE C 34 14.21 0.67 26.16
CA ILE C 34 14.25 1.53 24.97
C ILE C 34 15.69 1.66 24.47
N THR C 35 15.95 1.19 23.26
CA THR C 35 17.26 1.37 22.65
C THR C 35 17.31 2.71 21.93
N GLY C 36 18.49 3.33 21.92
CA GLY C 36 18.68 4.64 21.29
C GLY C 36 17.77 5.69 21.92
N ALA C 37 17.84 5.81 23.24
CA ALA C 37 16.94 6.69 23.99
C ALA C 37 17.69 7.84 24.63
N THR C 38 18.79 8.21 23.99
CA THR C 38 19.71 9.19 24.52
C THR C 38 19.37 10.61 24.00
N SER C 39 18.61 10.65 22.90
CA SER C 39 18.17 11.89 22.27
C SER C 39 16.90 11.67 21.44
N GLY C 40 16.33 12.78 20.95
CA GLY C 40 15.22 12.75 19.99
C GLY C 40 14.01 11.96 20.44
N ILE C 41 13.54 11.08 19.57
CA ILE C 41 12.35 10.27 19.82
C ILE C 41 12.51 9.30 20.99
N GLY C 42 13.67 8.63 21.05
CA GLY C 42 13.94 7.69 22.13
C GLY C 42 13.88 8.38 23.49
N LEU C 43 14.48 9.56 23.58
CA LEU C 43 14.50 10.31 24.83
C LEU C 43 13.10 10.80 25.22
N ALA C 44 12.35 11.31 24.24
CA ALA C 44 10.98 11.77 24.48
C ALA C 44 10.11 10.60 24.95
N ALA C 45 10.34 9.42 24.38
CA ALA C 45 9.61 8.22 24.78
C ALA C 45 9.98 7.78 26.19
N ALA C 46 11.26 7.84 26.51
CA ALA C 46 11.73 7.48 27.86
C ALA C 46 11.07 8.37 28.92
N LYS C 47 11.05 9.67 28.64
CA LYS C 47 10.40 10.65 29.53
C LYS C 47 8.92 10.33 29.70
N ARG C 48 8.23 10.12 28.58
CA ARG C 48 6.81 9.80 28.62
C ARG C 48 6.52 8.49 29.35
N PHE C 49 7.31 7.44 29.08
CA PHE C 49 7.08 6.14 29.70
C PHE C 49 7.26 6.19 31.23
N VAL C 50 8.28 6.92 31.67
CA VAL C 50 8.52 7.17 33.10
C VAL C 50 7.33 7.93 33.73
N ALA C 51 6.86 8.97 33.04
CA ALA C 51 5.69 9.73 33.46
C ALA C 51 4.43 8.85 33.57
N GLU C 52 4.38 7.81 32.76
CA GLU C 52 3.24 6.88 32.75
C GLU C 52 3.43 5.68 33.68
N GLY C 53 4.47 5.72 34.50
CA GLY C 53 4.67 4.75 35.56
C GLY C 53 5.55 3.54 35.25
N ALA C 54 6.19 3.55 34.08
CA ALA C 54 7.03 2.42 33.68
C ALA C 54 8.37 2.41 34.40
N ARG C 55 8.87 1.20 34.63
CA ARG C 55 10.25 1.02 35.07
C ARG C 55 11.10 0.95 33.81
N VAL C 56 11.92 1.98 33.60
CA VAL C 56 12.57 2.22 32.31
C VAL C 56 14.07 1.93 32.29
N PHE C 57 14.49 1.12 31.31
CA PHE C 57 15.89 0.89 30.99
C PHE C 57 16.18 1.46 29.61
N ILE C 58 17.20 2.29 29.50
CA ILE C 58 17.57 2.84 28.20
C ILE C 58 18.99 2.43 27.82
N THR C 59 19.25 2.39 26.51
CA THR C 59 20.60 2.15 26.04
C THR C 59 21.12 3.32 25.20
N GLY C 60 22.45 3.39 25.11
CA GLY C 60 23.16 4.37 24.31
C GLY C 60 24.59 3.89 24.19
N ARG C 61 25.34 4.45 23.25
CA ARG C 61 26.72 4.03 23.03
C ARG C 61 27.74 4.82 23.86
N ARG C 62 27.43 6.08 24.13
CA ARG C 62 28.36 6.95 24.86
C ARG C 62 27.67 7.78 25.94
N ASP C 64 28.03 8.48 29.32
CA ASP C 64 28.41 9.89 29.30
C ASP C 64 27.21 10.74 28.90
N VAL C 65 26.81 10.65 27.64
CA VAL C 65 25.56 11.27 27.18
C VAL C 65 24.38 10.47 27.73
N LEU C 66 24.62 9.18 27.99
CA LEU C 66 23.67 8.30 28.64
C LEU C 66 23.40 8.71 30.09
N ASP C 67 24.47 9.04 30.81
CA ASP C 67 24.36 9.52 32.19
C ASP C 67 23.53 10.81 32.29
N ALA C 68 23.75 11.72 31.35
CA ALA C 68 22.98 12.96 31.27
C ALA C 68 21.51 12.70 30.96
N ALA C 69 21.28 11.77 30.03
CA ALA C 69 19.92 11.37 29.66
C ALA C 69 19.16 10.79 30.85
N ILE C 70 19.83 9.89 31.59
CA ILE C 70 19.25 9.26 32.79
C ILE C 70 18.83 10.27 33.86
N ALA C 71 19.63 11.33 34.02
CA ALA C 71 19.34 12.41 34.96
C ALA C 71 18.14 13.23 34.49
N GLU C 72 18.08 13.49 33.17
CA GLU C 72 17.03 14.28 32.54
C GLU C 72 15.69 13.56 32.59
N ILE C 73 15.72 12.24 32.43
CA ILE C 73 14.53 11.40 32.52
C ILE C 73 14.11 11.25 33.97
N GLY C 74 15.02 10.75 34.81
CA GLY C 74 14.76 10.54 36.24
C GLY C 74 13.77 9.41 36.49
N GLY C 75 13.02 9.54 37.59
CA GLY C 75 11.99 8.57 37.96
C GLY C 75 12.49 7.13 38.05
N GLY C 76 13.74 6.97 38.47
CA GLY C 76 14.35 5.66 38.66
C GLY C 76 14.78 4.97 37.39
N ALA C 77 14.88 5.72 36.28
CA ALA C 77 15.35 5.16 35.02
C ALA C 77 16.82 4.76 35.09
N VAL C 78 17.14 3.65 34.44
CA VAL C 78 18.48 3.07 34.47
C VAL C 78 19.06 3.04 33.05
N GLY C 79 20.35 3.36 32.95
CA GLY C 79 21.05 3.37 31.68
C GLY C 79 22.03 2.23 31.57
N ILE C 80 22.06 1.60 30.40
CA ILE C 80 23.01 0.53 30.11
C ILE C 80 23.74 0.87 28.83
N GLN C 81 25.06 1.01 28.91
CA GLN C 81 25.86 1.27 27.72
C GLN C 81 25.92 0.00 26.89
N ALA C 82 25.41 0.09 25.66
CA ALA C 82 25.39 -1.03 24.74
C ALA C 82 25.32 -0.55 23.30
N ASP C 83 26.11 -1.18 22.44
CA ASP C 83 26.02 -0.95 21.01
C ASP C 83 24.95 -1.90 20.48
N SER C 84 23.76 -1.35 20.24
CA SER C 84 22.58 -2.14 19.82
C SER C 84 22.85 -3.05 18.63
N ALA C 85 23.76 -2.63 17.76
CA ALA C 85 24.21 -3.44 16.62
C ALA C 85 25.09 -4.61 17.08
N ASN C 86 26.08 -4.30 17.93
CA ASN C 86 27.01 -5.30 18.48
C ASN C 86 26.29 -6.42 19.24
N LEU C 87 26.59 -7.67 18.89
CA LEU C 87 25.87 -8.83 19.43
C LEU C 87 26.24 -9.24 20.86
N ALA C 88 27.52 -9.14 21.21
CA ALA C 88 27.99 -9.55 22.54
C ALA C 88 27.49 -8.62 23.64
N GLU C 89 27.35 -7.34 23.31
CA GLU C 89 26.87 -6.33 24.26
C GLU C 89 25.36 -6.43 24.48
N LEU C 90 24.65 -6.97 23.49
CA LEU C 90 23.22 -7.24 23.64
C LEU C 90 23.01 -8.33 24.70
N ASP C 91 23.85 -9.36 24.69
CA ASP C 91 23.81 -10.40 25.72
C ASP C 91 23.97 -9.80 27.11
N ARG C 92 24.90 -8.86 27.26
CA ARG C 92 25.13 -8.20 28.54
C ARG C 92 23.98 -7.28 28.96
N LEU C 93 23.37 -6.60 27.98
CA LEU C 93 22.18 -5.79 28.23
C LEU C 93 21.05 -6.63 28.83
N TYR C 94 20.76 -7.75 28.18
CA TYR C 94 19.64 -8.59 28.62
C TYR C 94 19.92 -9.37 29.90
N GLU C 95 21.19 -9.64 30.16
CA GLU C 95 21.62 -10.21 31.45
C GLU C 95 21.31 -9.25 32.59
N LYS C 96 21.57 -7.96 32.37
CA LYS C 96 21.28 -6.93 33.37
C LYS C 96 19.78 -6.75 33.59
N VAL C 97 19.01 -6.72 32.51
CA VAL C 97 17.56 -6.58 32.62
C VAL C 97 16.94 -7.78 33.34
N LYS C 98 17.40 -8.98 33.02
CA LYS C 98 16.91 -10.20 33.68
C LYS C 98 17.18 -10.16 35.19
N ALA C 99 18.40 -9.74 35.55
CA ALA C 99 18.83 -9.68 36.95
C ALA C 99 18.07 -8.61 37.74
N GLU C 100 17.80 -7.48 37.11
CA GLU C 100 17.23 -6.33 37.81
C GLU C 100 15.71 -6.22 37.71
N ALA C 101 15.14 -6.76 36.63
CA ALA C 101 13.70 -6.67 36.38
C ALA C 101 13.02 -8.02 36.16
N GLY C 102 13.74 -8.96 35.55
CA GLY C 102 13.24 -10.32 35.36
C GLY C 102 12.35 -10.55 34.15
N ARG C 103 11.93 -9.48 33.50
CA ARG C 103 11.03 -9.56 32.34
C ARG C 103 11.12 -8.26 31.53
N ILE C 104 10.56 -8.29 30.32
CA ILE C 104 10.35 -7.08 29.51
C ILE C 104 8.89 -7.07 29.08
N ASP C 105 8.22 -5.94 29.30
CA ASP C 105 6.84 -5.77 28.87
C ASP C 105 6.75 -4.88 27.64
N VAL C 106 7.67 -3.93 27.53
CA VAL C 106 7.71 -3.01 26.40
C VAL C 106 9.14 -2.95 25.89
N LEU C 107 9.31 -3.24 24.60
CA LEU C 107 10.60 -3.07 23.96
C LEU C 107 10.45 -2.10 22.80
N PHE C 108 11.11 -0.94 22.92
CA PHE C 108 11.04 0.11 21.91
C PHE C 108 12.42 0.26 21.26
N VAL C 109 12.52 -0.21 20.03
CA VAL C 109 13.79 -0.26 19.31
C VAL C 109 13.96 0.93 18.37
N ASN C 110 14.84 1.86 18.75
CA ASN C 110 15.24 2.99 17.91
C ASN C 110 16.64 2.82 17.38
N ALA C 111 16.79 2.76 16.07
CA ALA C 111 18.10 2.61 15.45
C ALA C 111 18.56 3.89 14.75
N GLY C 112 19.84 4.22 14.90
CA GLY C 112 20.40 5.44 14.33
C GLY C 112 20.46 5.37 12.81
N GLY C 113 21.58 4.83 12.31
CA GLY C 113 21.84 4.60 10.88
C GLY C 113 21.20 5.50 9.83
N GLY C 114 22.02 6.21 9.07
CA GLY C 114 21.50 7.01 7.97
C GLY C 114 22.30 8.22 7.56
N SER C 115 22.44 8.38 6.24
CA SER C 115 23.03 9.57 5.63
C SER C 115 22.49 9.72 4.22
N LEU C 117 23.23 9.91 0.15
CA LEU C 117 24.06 9.67 -1.03
C LEU C 117 23.17 9.22 -2.17
N PRO C 118 23.31 9.83 -3.35
CA PRO C 118 22.57 9.38 -4.53
C PRO C 118 23.21 8.12 -5.15
N LEU C 119 22.41 7.34 -5.85
CA LEU C 119 22.93 6.23 -6.65
C LEU C 119 23.95 6.79 -7.63
N GLY C 120 25.08 6.10 -7.75
CA GLY C 120 26.24 6.62 -8.45
C GLY C 120 27.34 7.00 -7.47
N GLU C 121 26.95 7.29 -6.22
CA GLU C 121 27.87 7.76 -5.18
C GLU C 121 27.77 6.96 -3.88
N VAL C 122 26.91 5.94 -3.84
CA VAL C 122 26.76 5.08 -2.66
C VAL C 122 28.01 4.26 -2.40
N THR C 123 28.45 4.27 -1.15
CA THR C 123 29.63 3.52 -0.74
C THR C 123 29.23 2.26 0.01
N GLU C 124 30.11 1.26 -0.01
CA GLU C 124 29.95 0.11 0.87
C GLU C 124 29.80 0.55 2.33
N GLU C 125 30.57 1.57 2.72
CA GLU C 125 30.51 2.12 4.08
C GLU C 125 29.09 2.55 4.46
N GLN C 126 28.46 3.32 3.58
CA GLN C 126 27.10 3.79 3.84
C GLN C 126 26.14 2.61 3.93
N TYR C 127 26.24 1.70 2.97
CA TYR C 127 25.36 0.53 3.01
C TYR C 127 25.55 -0.25 4.32
N ASP C 128 26.80 -0.63 4.60
CA ASP C 128 27.10 -1.44 5.77
C ASP C 128 26.67 -0.79 7.07
N ASP C 129 27.01 0.48 7.25
CA ASP C 129 26.69 1.20 8.49
C ASP C 129 25.19 1.29 8.70
N THR C 130 24.46 1.65 7.65
CA THR C 130 23.02 1.84 7.71
C THR C 130 22.28 0.53 8.01
N PHE C 131 22.63 -0.52 7.27
CA PHE C 131 21.93 -1.79 7.45
C PHE C 131 22.33 -2.52 8.73
N ASP C 132 23.59 -2.39 9.13
CA ASP C 132 24.03 -3.00 10.39
C ASP C 132 23.26 -2.46 11.59
N ARG C 133 22.98 -1.15 11.56
CA ARG C 133 22.26 -0.48 12.64
C ARG C 133 20.75 -0.63 12.51
N ASN C 134 20.22 -0.42 11.30
CA ASN C 134 18.77 -0.29 11.13
C ASN C 134 18.03 -1.58 10.89
N VAL C 135 18.75 -2.62 10.49
CA VAL C 135 18.14 -3.88 10.12
C VAL C 135 18.74 -5.02 10.94
N LYS C 136 20.01 -5.33 10.69
CA LYS C 136 20.69 -6.43 11.40
C LYS C 136 20.65 -6.24 12.92
N GLY C 137 21.07 -5.06 13.37
CA GLY C 137 21.06 -4.73 14.80
C GLY C 137 19.69 -4.86 15.41
N VAL C 138 18.65 -4.42 14.69
CA VAL C 138 17.28 -4.53 15.16
C VAL C 138 16.84 -5.99 15.29
N LEU C 139 17.13 -6.79 14.28
CA LEU C 139 16.75 -8.21 14.31
C LEU C 139 17.34 -8.89 15.55
N PHE C 140 18.62 -8.65 15.83
CA PHE C 140 19.25 -9.33 16.96
C PHE C 140 18.87 -8.74 18.30
N THR C 141 18.60 -7.43 18.33
CA THR C 141 18.03 -6.79 19.51
C THR C 141 16.74 -7.47 19.93
N VAL C 142 15.85 -7.72 18.97
CA VAL C 142 14.57 -8.35 19.28
C VAL C 142 14.74 -9.84 19.57
N GLN C 143 15.57 -10.51 18.77
CA GLN C 143 15.77 -11.95 18.95
C GLN C 143 16.28 -12.28 20.36
N LYS C 144 17.24 -11.50 20.82
CA LYS C 144 17.85 -11.72 22.14
C LYS C 144 16.95 -11.31 23.29
N ALA C 145 15.95 -10.48 23.01
CA ALA C 145 14.97 -10.06 24.01
C ALA C 145 13.90 -11.12 24.24
N LEU C 146 13.73 -12.03 23.27
CA LEU C 146 12.62 -12.99 23.27
C LEU C 146 12.42 -13.74 24.58
N PRO C 147 13.49 -14.34 25.15
CA PRO C 147 13.30 -15.07 26.41
C PRO C 147 12.71 -14.24 27.55
N LEU C 148 12.95 -12.92 27.53
CA LEU C 148 12.45 -12.01 28.56
C LEU C 148 11.06 -11.43 28.29
N LEU C 149 10.63 -11.48 27.02
CA LEU C 149 9.36 -10.88 26.62
C LEU C 149 8.14 -11.62 27.16
N ALA C 150 7.43 -10.95 28.08
CA ALA C 150 6.29 -11.51 28.80
C ALA C 150 5.06 -11.67 27.91
N ARG C 151 4.10 -12.44 28.39
CA ARG C 151 2.78 -12.48 27.76
C ARG C 151 2.16 -11.09 27.88
N GLY C 152 1.53 -10.63 26.81
CA GLY C 152 0.94 -9.29 26.76
C GLY C 152 1.95 -8.19 26.53
N SER C 153 3.14 -8.55 26.07
CA SER C 153 4.21 -7.58 25.80
C SER C 153 4.08 -6.95 24.41
N SER C 154 4.79 -5.84 24.23
CA SER C 154 4.68 -5.02 23.03
C SER C 154 6.06 -4.60 22.54
N VAL C 155 6.36 -4.95 21.30
CA VAL C 155 7.60 -4.54 20.66
C VAL C 155 7.27 -3.46 19.64
N VAL C 156 7.92 -2.31 19.78
CA VAL C 156 7.71 -1.16 18.89
C VAL C 156 9.01 -0.88 18.15
N LEU C 157 8.94 -0.93 16.82
CA LEU C 157 10.10 -0.71 15.97
C LEU C 157 9.96 0.64 15.29
N THR C 158 10.99 1.48 15.40
CA THR C 158 10.93 2.79 14.75
C THR C 158 11.28 2.68 13.28
N GLY C 159 10.28 2.94 12.45
CA GLY C 159 10.45 2.98 11.01
C GLY C 159 10.63 4.41 10.53
N SER C 160 10.09 4.69 9.35
CA SER C 160 10.15 6.01 8.76
C SER C 160 9.19 6.07 7.58
N THR C 161 8.64 7.24 7.33
CA THR C 161 7.93 7.49 6.07
C THR C 161 8.83 7.18 4.87
N ALA C 162 10.15 7.28 5.05
CA ALA C 162 11.10 6.98 3.96
C ALA C 162 10.96 5.56 3.42
N GLY C 163 10.51 4.64 4.29
CA GLY C 163 10.39 3.22 3.95
C GLY C 163 9.29 2.91 2.96
N SER C 164 8.42 3.88 2.68
CA SER C 164 7.32 3.65 1.75
C SER C 164 7.17 4.76 0.71
N THR C 165 8.17 5.64 0.64
CA THR C 165 8.12 6.78 -0.27
C THR C 165 9.43 6.87 -1.03
N GLY C 166 9.52 7.87 -1.90
CA GLY C 166 10.75 8.17 -2.64
C GLY C 166 11.30 9.52 -2.21
N THR C 167 12.61 9.54 -1.96
CA THR C 167 13.33 10.74 -1.53
C THR C 167 14.69 10.74 -2.25
N PRO C 168 15.07 11.88 -2.87
CA PRO C 168 16.38 11.92 -3.53
C PRO C 168 17.54 11.68 -2.56
N ALA C 169 18.53 10.90 -3.02
CA ALA C 169 19.77 10.62 -2.27
C ALA C 169 19.53 9.94 -0.93
N PHE C 170 18.46 9.14 -0.85
CA PHE C 170 18.09 8.53 0.41
C PHE C 170 17.82 7.01 0.28
N SER C 171 18.28 6.39 -0.80
CA SER C 171 17.85 5.02 -1.11
C SER C 171 18.29 3.97 -0.09
N VAL C 172 19.50 4.12 0.43
CA VAL C 172 20.01 3.16 1.41
C VAL C 172 19.19 3.23 2.71
N TYR C 173 18.98 4.44 3.21
CA TYR C 173 18.17 4.64 4.41
C TYR C 173 16.74 4.14 4.19
N ALA C 174 16.14 4.55 3.07
CA ALA C 174 14.76 4.19 2.78
C ALA C 174 14.59 2.66 2.72
N ALA C 175 15.54 1.99 2.06
CA ALA C 175 15.48 0.53 1.96
C ALA C 175 15.62 -0.13 3.33
N SER C 176 16.48 0.41 4.18
CA SER C 176 16.64 -0.13 5.54
C SER C 176 15.33 -0.05 6.33
N LYS C 177 14.57 1.03 6.09
CA LYS C 177 13.33 1.23 6.83
C LYS C 177 12.18 0.43 6.25
N ALA C 178 12.23 0.15 4.95
CA ALA C 178 11.30 -0.82 4.34
C ALA C 178 11.51 -2.22 4.92
N ALA C 179 12.77 -2.64 5.02
CA ALA C 179 13.14 -3.91 5.65
C ALA C 179 12.63 -3.96 7.08
N LEU C 180 12.84 -2.87 7.81
CA LEU C 180 12.39 -2.76 9.20
C LEU C 180 10.88 -3.05 9.33
N ARG C 181 10.06 -2.39 8.52
CA ARG C 181 8.61 -2.55 8.62
C ARG C 181 8.21 -4.00 8.33
N SER C 182 8.91 -4.63 7.38
CA SER C 182 8.61 -6.03 7.02
C SER C 182 8.72 -6.94 8.25
N PHE C 183 9.67 -6.66 9.14
CA PHE C 183 9.84 -7.49 10.33
C PHE C 183 8.55 -7.67 11.12
N ALA C 184 7.78 -6.59 11.26
CA ALA C 184 6.53 -6.63 12.03
C ALA C 184 5.49 -7.57 11.41
N ARG C 185 5.45 -7.63 10.08
CA ARG C 185 4.51 -8.51 9.36
C ARG C 185 4.85 -9.99 9.60
N ASN C 186 6.13 -10.28 9.73
CA ASN C 186 6.61 -11.65 9.68
C ASN C 186 6.86 -12.27 11.05
N TRP C 187 7.45 -11.50 11.96
CA TRP C 187 7.76 -12.02 13.29
C TRP C 187 6.52 -12.39 14.10
N ILE C 188 5.41 -11.71 13.85
CA ILE C 188 4.14 -12.02 14.54
C ILE C 188 3.64 -13.42 14.19
N LEU C 189 4.14 -13.98 13.10
CA LEU C 189 3.81 -15.35 12.69
C LEU C 189 4.77 -16.36 13.32
N ASP C 190 6.02 -15.95 13.54
CA ASP C 190 7.01 -16.78 14.21
C ASP C 190 6.72 -16.93 15.70
N LEU C 191 6.02 -15.95 16.26
CA LEU C 191 5.74 -15.90 17.69
C LEU C 191 4.27 -16.17 17.99
N LYS C 192 3.68 -17.04 17.18
CA LYS C 192 2.28 -17.46 17.34
C LYS C 192 2.02 -17.95 18.77
N ASP C 193 0.95 -17.43 19.38
CA ASP C 193 0.50 -17.86 20.71
C ASP C 193 1.43 -17.49 21.88
N ARG C 194 2.41 -16.61 21.63
CA ARG C 194 3.30 -16.15 22.71
C ARG C 194 2.81 -14.87 23.39
N GLY C 195 1.78 -14.26 22.81
CA GLY C 195 1.22 -13.01 23.33
C GLY C 195 2.18 -11.84 23.25
N ILE C 196 2.99 -11.81 22.18
CA ILE C 196 3.89 -10.68 21.93
C ILE C 196 3.40 -9.96 20.68
N ARG C 197 3.09 -8.68 20.82
CA ARG C 197 2.71 -7.87 19.65
C ARG C 197 3.94 -7.16 19.10
N ILE C 198 3.96 -6.99 17.78
CA ILE C 198 5.07 -6.31 17.12
C ILE C 198 4.50 -5.31 16.12
N ASN C 199 4.88 -4.04 16.27
CA ASN C 199 4.38 -2.98 15.39
C ASN C 199 5.47 -2.03 14.99
N THR C 200 5.29 -1.40 13.84
CA THR C 200 6.20 -0.38 13.34
C THR C 200 5.60 0.99 13.58
N LEU C 201 6.42 1.91 14.10
CA LEU C 201 6.01 3.29 14.29
C LEU C 201 6.83 4.11 13.31
N SER C 202 6.14 4.77 12.38
CA SER C 202 6.83 5.43 11.27
C SER C 202 6.63 6.94 11.23
N PRO C 203 7.59 7.67 11.84
CA PRO C 203 7.51 9.13 11.83
C PRO C 203 7.91 9.73 10.48
N GLY C 204 7.31 10.87 10.16
CA GLY C 204 7.86 11.76 9.14
C GLY C 204 8.98 12.57 9.81
N PRO C 205 9.57 13.53 9.08
CA PRO C 205 10.59 14.36 9.72
C PRO C 205 10.05 15.13 10.93
N THR C 206 10.88 15.26 11.96
CA THR C 206 10.55 16.06 13.14
C THR C 206 11.49 17.26 13.26
N GLU C 207 11.33 18.02 14.33
CA GLU C 207 12.18 19.18 14.60
C GLU C 207 13.59 18.76 14.99
N THR C 208 13.70 17.56 15.57
CA THR C 208 14.99 17.02 16.05
C THR C 208 15.50 15.88 15.17
N GLY C 224 15.89 26.34 7.09
CA GLY C 224 15.62 26.32 5.66
C GLY C 224 15.05 25.00 5.18
N LEU C 225 15.73 23.91 5.52
CA LEU C 225 15.30 22.55 5.15
C LEU C 225 13.97 22.19 5.80
N LEU C 226 13.81 22.57 7.07
CA LEU C 226 12.57 22.32 7.82
C LEU C 226 11.37 23.05 7.21
N ASN C 227 11.63 24.25 6.67
CA ASN C 227 10.60 25.02 5.96
C ASN C 227 10.15 24.33 4.67
N ALA C 228 11.10 23.70 3.98
CA ALA C 228 10.81 22.96 2.75
C ALA C 228 10.06 21.67 3.04
N LEU C 229 10.48 20.97 4.08
CA LEU C 229 9.83 19.72 4.50
C LEU C 229 8.40 19.95 4.98
N ALA C 230 8.20 21.05 5.71
CA ALA C 230 6.88 21.43 6.22
C ALA C 230 5.86 21.70 5.11
N ALA C 231 6.35 22.19 3.97
CA ALA C 231 5.50 22.49 2.81
C ALA C 231 4.88 21.24 2.20
N GLN C 232 5.57 20.10 2.34
CA GLN C 232 5.09 18.80 1.85
C GLN C 232 3.98 18.24 2.74
N VAL C 233 3.98 18.61 4.02
CA VAL C 233 3.08 18.02 5.01
C VAL C 233 1.70 18.68 4.99
N PRO C 234 0.62 17.87 4.84
CA PRO C 234 -0.75 18.39 4.88
C PRO C 234 -1.02 19.26 6.10
N GLY C 236 1.07 21.11 7.59
CA GLY C 236 1.78 22.38 7.40
C GLY C 236 2.96 22.63 8.33
N ARG C 237 3.40 21.58 9.00
CA ARG C 237 4.54 21.67 9.92
C ARG C 237 5.21 20.30 10.03
N VAL C 238 6.42 20.27 10.57
CA VAL C 238 7.08 19.02 10.91
C VAL C 238 6.56 18.53 12.27
N GLY C 239 6.76 17.25 12.56
CA GLY C 239 6.32 16.69 13.83
C GLY C 239 7.23 17.07 14.98
N ARG C 240 6.75 16.79 16.19
CA ARG C 240 7.57 16.94 17.39
C ARG C 240 7.93 15.56 17.88
N ALA C 241 9.15 15.40 18.42
CA ALA C 241 9.56 14.12 18.99
C ALA C 241 8.52 13.59 19.99
N GLU C 242 7.93 14.51 20.75
CA GLU C 242 6.95 14.18 21.78
C GLU C 242 5.65 13.62 21.20
N GLU C 243 5.35 13.98 19.96
CA GLU C 243 4.16 13.46 19.29
C GLU C 243 4.39 12.02 18.86
N VAL C 244 5.61 11.73 18.40
CA VAL C 244 6.00 10.37 18.06
C VAL C 244 5.99 9.52 19.34
N ALA C 245 6.51 10.07 20.42
CA ALA C 245 6.52 9.37 21.72
C ALA C 245 5.12 9.03 22.23
N ALA C 246 4.15 9.90 21.96
CA ALA C 246 2.76 9.68 22.36
C ALA C 246 2.15 8.51 21.59
N ALA C 247 2.52 8.40 20.30
CA ALA C 247 2.07 7.28 19.48
C ALA C 247 2.78 5.98 19.90
N ALA C 248 4.06 6.08 20.28
CA ALA C 248 4.79 4.93 20.83
C ALA C 248 4.12 4.43 22.10
N LEU C 249 3.67 5.36 22.94
CA LEU C 249 2.90 5.03 24.14
C LEU C 249 1.65 4.23 23.82
N PHE C 250 0.91 4.65 22.80
CA PHE C 250 -0.29 3.92 22.39
C PHE C 250 0.05 2.45 22.08
N LEU C 251 1.09 2.25 21.27
CA LEU C 251 1.50 0.91 20.85
C LEU C 251 2.05 0.08 22.02
N ALA C 252 2.74 0.76 22.94
CA ALA C 252 3.30 0.11 24.12
C ALA C 252 2.23 -0.34 25.11
N SER C 253 1.14 0.44 25.18
CA SER C 253 0.10 0.27 26.18
C SER C 253 -0.92 -0.79 25.80
N ASP C 254 -1.71 -1.21 26.78
CA ASP C 254 -2.77 -2.20 26.54
C ASP C 254 -3.90 -1.66 25.67
N ASP C 255 -3.98 -0.34 25.50
CA ASP C 255 -4.98 0.26 24.61
C ASP C 255 -4.88 -0.26 23.16
N SER C 256 -3.67 -0.65 22.75
CA SER C 256 -3.46 -1.20 21.39
C SER C 256 -3.46 -2.73 21.38
N SER C 257 -4.20 -3.34 22.30
CA SER C 257 -4.14 -4.81 22.49
C SER C 257 -4.51 -5.67 21.27
N PHE C 258 -5.26 -5.12 20.31
CA PHE C 258 -5.59 -5.87 19.10
C PHE C 258 -4.89 -5.27 17.86
N VAL C 259 -3.79 -4.55 18.09
CA VAL C 259 -3.01 -3.98 16.99
C VAL C 259 -1.68 -4.71 16.95
N THR C 260 -1.42 -5.42 15.85
CA THR C 260 -0.14 -6.11 15.70
C THR C 260 0.18 -6.29 14.21
N GLY C 261 1.47 -6.28 13.89
CA GLY C 261 1.95 -6.35 12.51
C GLY C 261 1.79 -5.05 11.74
N ALA C 262 1.29 -4.02 12.41
CA ALA C 262 0.87 -2.78 11.77
C ALA C 262 2.00 -1.78 11.59
N GLU C 263 1.73 -0.76 10.78
CA GLU C 263 2.59 0.40 10.65
C GLU C 263 1.75 1.64 10.91
N LEU C 264 2.08 2.32 12.00
CA LEU C 264 1.38 3.52 12.43
C LEU C 264 2.20 4.74 12.00
N PHE C 265 1.66 5.49 11.04
CA PHE C 265 2.35 6.68 10.54
C PHE C 265 2.08 7.88 11.43
N VAL C 266 3.15 8.58 11.80
CA VAL C 266 3.04 9.81 12.58
C VAL C 266 3.73 10.87 11.73
N ASP C 267 2.99 11.36 10.75
CA ASP C 267 3.59 12.09 9.63
C ASP C 267 2.85 13.34 9.20
N GLY C 268 1.84 13.75 9.97
CA GLY C 268 1.02 14.91 9.63
C GLY C 268 0.34 14.77 8.28
N GLY C 269 0.23 13.53 7.81
CA GLY C 269 -0.40 13.21 6.54
C GLY C 269 0.55 13.04 5.37
N SER C 270 1.84 13.27 5.59
CA SER C 270 2.80 13.39 4.49
C SER C 270 2.86 12.16 3.58
N ALA C 271 2.83 10.97 4.19
CA ALA C 271 2.90 9.72 3.44
C ALA C 271 1.51 9.12 3.17
N GLN C 272 0.46 9.88 3.49
CA GLN C 272 -0.92 9.41 3.33
C GLN C 272 -1.53 9.97 2.05
N VAL C 273 -0.92 11.02 1.51
CA VAL C 273 -1.46 11.72 0.34
C VAL C 273 -0.66 11.39 -0.94
N THR D 24 7.19 -8.90 -34.35
CA THR D 24 7.52 -10.17 -33.66
C THR D 24 8.67 -9.99 -32.65
N GLN D 25 9.44 -8.92 -32.83
CA GLN D 25 10.71 -8.71 -32.15
C GLN D 25 10.65 -7.47 -31.25
N ARG D 26 10.19 -7.66 -30.02
CA ARG D 26 9.92 -6.53 -29.13
C ARG D 26 11.16 -5.95 -28.44
N LEU D 27 12.28 -6.65 -28.53
CA LEU D 27 13.55 -6.16 -28.00
C LEU D 27 14.66 -6.15 -29.07
N ASN D 28 14.27 -5.89 -30.33
CA ASN D 28 15.22 -5.89 -31.45
C ASN D 28 16.38 -4.92 -31.25
N ALA D 29 17.60 -5.44 -31.42
CA ALA D 29 18.84 -4.66 -31.26
C ALA D 29 18.96 -3.95 -29.90
N LYS D 30 18.43 -4.57 -28.86
CA LYS D 30 18.61 -4.10 -27.49
C LYS D 30 19.64 -4.99 -26.83
N ILE D 31 20.48 -4.40 -25.98
CA ILE D 31 21.42 -5.17 -25.17
C ILE D 31 20.78 -5.44 -23.83
N ALA D 32 20.63 -6.72 -23.48
CA ALA D 32 20.04 -7.11 -22.21
C ALA D 32 21.05 -7.88 -21.37
N VAL D 33 21.18 -7.47 -20.11
CA VAL D 33 22.03 -8.16 -19.14
C VAL D 33 21.11 -8.71 -18.07
N ILE D 34 21.20 -10.02 -17.84
CA ILE D 34 20.38 -10.66 -16.81
C ILE D 34 21.31 -11.32 -15.81
N THR D 35 21.22 -10.92 -14.54
CA THR D 35 21.97 -11.60 -13.50
C THR D 35 21.12 -12.74 -12.94
N GLY D 36 21.76 -13.85 -12.62
CA GLY D 36 21.05 -15.04 -12.12
C GLY D 36 20.11 -15.65 -13.14
N ALA D 37 20.66 -16.05 -14.29
CA ALA D 37 19.81 -16.52 -15.38
C ALA D 37 20.13 -17.94 -15.84
N THR D 38 20.67 -18.76 -14.94
CA THR D 38 21.08 -20.11 -15.33
C THR D 38 20.03 -21.18 -14.99
N SER D 39 18.96 -20.77 -14.31
CA SER D 39 17.80 -21.63 -14.05
C SER D 39 16.54 -20.79 -13.77
N GLY D 40 15.40 -21.45 -13.65
CA GLY D 40 14.14 -20.82 -13.22
C GLY D 40 13.68 -19.63 -14.05
N ILE D 41 13.29 -18.58 -13.35
CA ILE D 41 12.78 -17.35 -13.96
C ILE D 41 13.82 -16.65 -14.83
N GLY D 42 15.05 -16.58 -14.33
CA GLY D 42 16.14 -15.92 -15.07
C GLY D 42 16.39 -16.58 -16.42
N LEU D 43 16.44 -17.92 -16.41
CA LEU D 43 16.67 -18.67 -17.64
C LEU D 43 15.52 -18.50 -18.62
N ALA D 44 14.28 -18.58 -18.11
CA ALA D 44 13.09 -18.36 -18.93
C ALA D 44 13.08 -16.96 -19.53
N ALA D 45 13.51 -15.96 -18.76
CA ALA D 45 13.62 -14.60 -19.27
C ALA D 45 14.69 -14.48 -20.35
N ALA D 46 15.83 -15.15 -20.14
CA ALA D 46 16.89 -15.16 -21.14
C ALA D 46 16.39 -15.71 -22.48
N LYS D 47 15.66 -16.82 -22.44
CA LYS D 47 15.11 -17.42 -23.65
C LYS D 47 14.09 -16.51 -24.33
N ARG D 48 13.19 -15.91 -23.54
CA ARG D 48 12.20 -15.00 -24.10
C ARG D 48 12.85 -13.77 -24.73
N PHE D 49 13.83 -13.19 -24.04
CA PHE D 49 14.50 -11.99 -24.52
C PHE D 49 15.25 -12.26 -25.83
N VAL D 50 15.88 -13.43 -25.93
CA VAL D 50 16.53 -13.85 -27.17
C VAL D 50 15.49 -14.02 -28.29
N ALA D 51 14.37 -14.66 -27.97
CA ALA D 51 13.29 -14.83 -28.94
C ALA D 51 12.75 -13.48 -29.43
N GLU D 52 12.85 -12.46 -28.57
CA GLU D 52 12.42 -11.10 -28.89
C GLU D 52 13.51 -10.23 -29.53
N GLY D 53 14.63 -10.84 -29.87
CA GLY D 53 15.68 -10.18 -30.66
C GLY D 53 16.78 -9.47 -29.90
N ALA D 54 16.80 -9.61 -28.58
CA ALA D 54 17.84 -8.98 -27.76
C ALA D 54 19.17 -9.72 -27.87
N ARG D 55 20.26 -8.98 -27.74
CA ARG D 55 21.59 -9.55 -27.52
C ARG D 55 21.72 -9.70 -26.01
N VAL D 56 21.79 -10.95 -25.56
CA VAL D 56 21.67 -11.26 -24.14
C VAL D 56 23.02 -11.64 -23.53
N PHE D 57 23.31 -11.03 -22.38
CA PHE D 57 24.44 -11.41 -21.54
C PHE D 57 23.86 -11.91 -20.24
N ILE D 58 24.26 -13.10 -19.81
CA ILE D 58 23.76 -13.65 -18.55
C ILE D 58 24.91 -13.91 -17.58
N THR D 59 24.55 -14.04 -16.32
CA THR D 59 25.50 -14.16 -15.25
C THR D 59 25.10 -15.38 -14.43
N GLY D 60 26.09 -16.11 -13.93
CA GLY D 60 25.85 -17.25 -13.05
C GLY D 60 27.07 -17.48 -12.17
N ARG D 61 26.93 -18.27 -11.11
CA ARG D 61 28.06 -18.46 -10.20
C ARG D 61 28.90 -19.70 -10.53
N ARG D 62 28.27 -20.69 -11.14
CA ARG D 62 28.94 -21.95 -11.45
C ARG D 62 29.18 -22.04 -12.96
N LYS D 63 30.45 -22.16 -13.36
CA LYS D 63 30.84 -22.13 -14.77
C LYS D 63 30.18 -23.22 -15.62
N ASP D 64 30.15 -24.45 -15.11
CA ASP D 64 29.54 -25.56 -15.84
C ASP D 64 28.04 -25.34 -16.07
N VAL D 65 27.35 -24.85 -15.04
CA VAL D 65 25.92 -24.54 -15.11
C VAL D 65 25.68 -23.38 -16.06
N LEU D 66 26.53 -22.38 -15.98
CA LEU D 66 26.45 -21.20 -16.85
C LEU D 66 26.59 -21.60 -18.33
N ASP D 67 27.60 -22.41 -18.62
CA ASP D 67 27.81 -22.87 -20.00
C ASP D 67 26.65 -23.71 -20.54
N ALA D 68 26.08 -24.56 -19.67
CA ALA D 68 24.93 -25.37 -20.06
C ALA D 68 23.73 -24.48 -20.37
N ALA D 69 23.53 -23.45 -19.55
CA ALA D 69 22.46 -22.48 -19.75
C ALA D 69 22.60 -21.75 -21.08
N ILE D 70 23.80 -21.27 -21.38
CA ILE D 70 24.10 -20.59 -22.65
C ILE D 70 23.77 -21.47 -23.85
N ALA D 71 24.16 -22.74 -23.77
CA ALA D 71 23.86 -23.71 -24.85
C ALA D 71 22.35 -23.91 -25.01
N GLU D 72 21.63 -23.90 -23.88
CA GLU D 72 20.19 -24.09 -23.88
C GLU D 72 19.48 -22.86 -24.45
N ILE D 73 20.00 -21.67 -24.13
CA ILE D 73 19.42 -20.40 -24.60
C ILE D 73 19.60 -20.21 -26.11
N GLY D 74 20.83 -20.41 -26.59
CA GLY D 74 21.18 -20.15 -28.00
C GLY D 74 21.08 -18.68 -28.38
N GLY D 75 20.78 -18.43 -29.65
CA GLY D 75 20.63 -17.07 -30.17
C GLY D 75 21.78 -16.12 -29.88
N GLY D 76 22.99 -16.66 -29.81
CA GLY D 76 24.18 -15.86 -29.57
C GLY D 76 24.29 -15.26 -28.17
N ALA D 77 23.53 -15.81 -27.23
CA ALA D 77 23.64 -15.38 -25.83
C ALA D 77 25.03 -15.67 -25.33
N VAL D 78 25.53 -14.80 -24.46
CA VAL D 78 26.89 -14.87 -23.93
C VAL D 78 26.83 -14.91 -22.41
N GLY D 79 27.68 -15.73 -21.81
CA GLY D 79 27.68 -15.90 -20.36
C GLY D 79 28.94 -15.36 -19.70
N ILE D 80 28.76 -14.78 -18.52
CA ILE D 80 29.86 -14.26 -17.72
C ILE D 80 29.72 -14.80 -16.29
N GLN D 81 30.78 -15.40 -15.76
CA GLN D 81 30.74 -15.95 -14.41
C GLN D 81 30.88 -14.82 -13.39
N ALA D 82 29.88 -14.68 -12.50
CA ALA D 82 29.84 -13.58 -11.53
C ALA D 82 28.99 -13.89 -10.32
N ASP D 83 29.47 -13.46 -9.16
CA ASP D 83 28.69 -13.49 -7.92
C ASP D 83 28.49 -12.03 -7.46
N SER D 84 27.24 -11.66 -7.19
CA SER D 84 26.92 -10.28 -6.77
C SER D 84 27.33 -9.98 -5.32
N ALA D 85 27.54 -11.03 -4.52
CA ALA D 85 28.15 -10.89 -3.19
C ALA D 85 29.61 -10.42 -3.31
N ASN D 86 30.05 -10.23 -4.56
CA ASN D 86 31.42 -9.82 -4.85
C ASN D 86 31.46 -8.63 -5.82
N LEU D 87 31.79 -7.47 -5.28
CA LEU D 87 31.83 -6.21 -6.06
C LEU D 87 32.87 -6.20 -7.18
N ALA D 88 34.01 -6.87 -6.95
CA ALA D 88 35.05 -6.98 -7.97
C ALA D 88 34.60 -7.76 -9.20
N GLU D 89 33.77 -8.79 -8.97
CA GLU D 89 33.24 -9.60 -10.07
C GLU D 89 32.17 -8.86 -10.87
N LEU D 90 31.51 -7.89 -10.24
CA LEU D 90 30.61 -6.98 -10.95
C LEU D 90 31.40 -6.05 -11.87
N ASP D 91 32.54 -5.56 -11.39
CA ASP D 91 33.43 -4.75 -12.24
C ASP D 91 33.84 -5.50 -13.50
N ARG D 92 34.18 -6.78 -13.35
CA ARG D 92 34.59 -7.62 -14.48
C ARG D 92 33.43 -7.86 -15.45
N LEU D 93 32.23 -8.06 -14.90
CA LEU D 93 31.02 -8.19 -15.72
C LEU D 93 30.86 -6.99 -16.65
N TYR D 94 30.90 -5.79 -16.08
CA TYR D 94 30.64 -4.60 -16.86
C TYR D 94 31.78 -4.23 -17.79
N GLU D 95 33.00 -4.60 -17.41
CA GLU D 95 34.13 -4.52 -18.32
C GLU D 95 33.88 -5.31 -19.61
N LYS D 96 33.40 -6.54 -19.47
CA LYS D 96 33.10 -7.40 -20.62
C LYS D 96 31.90 -6.88 -21.44
N VAL D 97 30.85 -6.41 -20.75
CA VAL D 97 29.70 -5.85 -21.47
C VAL D 97 30.08 -4.58 -22.24
N LYS D 98 30.90 -3.73 -21.62
CA LYS D 98 31.36 -2.49 -22.27
C LYS D 98 32.19 -2.81 -23.52
N ALA D 99 33.12 -3.74 -23.36
CA ALA D 99 33.99 -4.17 -24.45
C ALA D 99 33.21 -4.77 -25.62
N GLU D 100 32.21 -5.59 -25.31
CA GLU D 100 31.52 -6.37 -26.33
C GLU D 100 30.25 -5.74 -26.91
N ALA D 101 29.56 -4.92 -26.11
CA ALA D 101 28.30 -4.31 -26.54
C ALA D 101 28.25 -2.78 -26.40
N GLY D 102 29.05 -2.23 -25.50
CA GLY D 102 29.20 -0.78 -25.37
C GLY D 102 28.09 -0.03 -24.65
N ARG D 103 27.01 -0.73 -24.32
CA ARG D 103 25.86 -0.17 -23.61
C ARG D 103 25.02 -1.28 -23.01
N ILE D 104 24.04 -0.90 -22.19
CA ILE D 104 22.98 -1.78 -21.71
C ILE D 104 21.64 -1.07 -21.90
N ASP D 105 20.67 -1.77 -22.49
CA ASP D 105 19.31 -1.23 -22.67
C ASP D 105 18.33 -1.84 -21.69
N VAL D 106 18.57 -3.10 -21.29
CA VAL D 106 17.69 -3.80 -20.37
C VAL D 106 18.60 -4.46 -19.33
N LEU D 107 18.33 -4.18 -18.05
CA LEU D 107 19.08 -4.84 -16.98
C LEU D 107 18.06 -5.52 -16.06
N PHE D 108 18.12 -6.84 -16.02
CA PHE D 108 17.19 -7.65 -15.23
C PHE D 108 18.00 -8.27 -14.11
N VAL D 109 17.84 -7.70 -12.92
CA VAL D 109 18.60 -8.09 -11.74
C VAL D 109 17.80 -9.16 -11.00
N ASN D 110 18.09 -10.41 -11.34
CA ASN D 110 17.33 -11.54 -10.86
C ASN D 110 18.09 -12.40 -9.85
N ALA D 111 19.39 -12.16 -9.73
CA ALA D 111 20.25 -12.94 -8.85
C ALA D 111 19.87 -12.71 -7.39
N GLY D 112 19.71 -13.79 -6.65
CA GLY D 112 19.33 -13.72 -5.25
C GLY D 112 18.88 -15.07 -4.74
N GLY D 113 18.51 -15.11 -3.46
CA GLY D 113 18.05 -16.34 -2.85
C GLY D 113 17.65 -16.12 -1.40
N GLY D 114 17.58 -17.20 -0.65
CA GLY D 114 17.20 -17.12 0.74
C GLY D 114 16.99 -18.48 1.33
N SER D 115 16.57 -18.51 2.58
CA SER D 115 16.31 -19.75 3.29
C SER D 115 15.30 -19.46 4.38
N LEU D 117 14.24 -19.56 8.40
CA LEU D 117 14.48 -19.66 9.84
C LEU D 117 13.53 -18.73 10.59
N PRO D 118 12.93 -19.22 11.69
CA PRO D 118 12.07 -18.36 12.50
C PRO D 118 12.88 -17.47 13.43
N LEU D 119 12.28 -16.36 13.87
CA LEU D 119 12.89 -15.54 14.90
C LEU D 119 13.05 -16.40 16.15
N GLY D 120 14.23 -16.31 16.75
CA GLY D 120 14.65 -17.22 17.81
C GLY D 120 15.78 -18.09 17.30
N GLU D 121 15.79 -18.32 15.98
CA GLU D 121 16.77 -19.21 15.33
C GLU D 121 17.59 -18.55 14.21
N VAL D 122 17.32 -17.27 13.93
CA VAL D 122 18.04 -16.56 12.87
C VAL D 122 19.53 -16.45 13.20
N THR D 123 20.37 -16.75 12.21
CA THR D 123 21.81 -16.67 12.36
C THR D 123 22.34 -15.45 11.63
N GLU D 124 23.51 -14.96 12.06
CA GLU D 124 24.21 -13.90 11.34
C GLU D 124 24.47 -14.29 9.89
N GLU D 125 24.80 -15.57 9.68
CA GLU D 125 25.06 -16.06 8.33
C GLU D 125 23.82 -15.95 7.44
N GLN D 126 22.66 -16.34 7.96
CA GLN D 126 21.44 -16.22 7.15
C GLN D 126 21.20 -14.76 6.79
N TYR D 127 21.32 -13.89 7.79
CA TYR D 127 21.14 -12.47 7.54
C TYR D 127 22.13 -11.94 6.50
N ASP D 128 23.42 -12.11 6.76
CA ASP D 128 24.46 -11.59 5.89
C ASP D 128 24.35 -12.16 4.47
N ASP D 129 24.20 -13.48 4.36
CA ASP D 129 24.19 -14.12 3.05
C ASP D 129 22.99 -13.70 2.21
N THR D 130 21.85 -13.47 2.86
CA THR D 130 20.64 -13.06 2.17
C THR D 130 20.76 -11.61 1.72
N PHE D 131 21.12 -10.72 2.66
CA PHE D 131 21.23 -9.30 2.31
C PHE D 131 22.39 -8.97 1.37
N ASP D 132 23.49 -9.71 1.48
CA ASP D 132 24.66 -9.48 0.62
C ASP D 132 24.30 -9.65 -0.88
N ARG D 133 23.40 -10.56 -1.18
CA ARG D 133 22.99 -10.80 -2.57
C ARG D 133 21.73 -10.05 -2.94
N ASN D 134 20.73 -10.09 -2.06
CA ASN D 134 19.40 -9.56 -2.39
C ASN D 134 19.26 -8.04 -2.29
N VAL D 135 20.16 -7.41 -1.53
CA VAL D 135 20.07 -5.98 -1.28
C VAL D 135 21.37 -5.29 -1.67
N LYS D 136 22.44 -5.59 -0.94
CA LYS D 136 23.75 -5.01 -1.25
C LYS D 136 24.17 -5.30 -2.69
N GLY D 137 24.08 -6.58 -3.08
CA GLY D 137 24.46 -7.00 -4.43
C GLY D 137 23.62 -6.33 -5.49
N VAL D 138 22.33 -6.16 -5.23
CA VAL D 138 21.45 -5.49 -6.19
C VAL D 138 21.86 -4.02 -6.33
N LEU D 139 22.07 -3.34 -5.21
CA LEU D 139 22.46 -1.93 -5.24
C LEU D 139 23.71 -1.74 -6.10
N PHE D 140 24.72 -2.57 -5.88
CA PHE D 140 25.97 -2.39 -6.62
C PHE D 140 25.90 -2.90 -8.06
N THR D 141 25.07 -3.91 -8.31
CA THR D 141 24.81 -4.34 -9.70
C THR D 141 24.25 -3.15 -10.49
N VAL D 142 23.29 -2.43 -9.94
CA VAL D 142 22.69 -1.32 -10.66
C VAL D 142 23.63 -0.12 -10.74
N GLN D 143 24.25 0.22 -9.62
CA GLN D 143 25.17 1.37 -9.57
C GLN D 143 26.29 1.25 -10.58
N LYS D 144 26.86 0.05 -10.68
CA LYS D 144 27.99 -0.19 -11.58
C LYS D 144 27.56 -0.27 -13.04
N ALA D 145 26.27 -0.49 -13.29
CA ALA D 145 25.72 -0.48 -14.64
C ALA D 145 25.44 0.93 -15.17
N LEU D 146 25.34 1.91 -14.27
CA LEU D 146 24.93 3.27 -14.64
C LEU D 146 25.68 3.88 -15.82
N PRO D 147 27.03 3.78 -15.83
CA PRO D 147 27.74 4.36 -17.00
C PRO D 147 27.33 3.77 -18.35
N LEU D 148 26.87 2.52 -18.35
CA LEU D 148 26.48 1.83 -19.59
C LEU D 148 25.01 1.96 -19.94
N LEU D 149 24.18 2.33 -18.95
CA LEU D 149 22.74 2.39 -19.16
C LEU D 149 22.35 3.53 -20.09
N ALA D 150 21.78 3.14 -21.22
CA ALA D 150 21.43 4.05 -22.29
C ALA D 150 20.21 4.88 -21.91
N ARG D 151 20.03 6.01 -22.59
CA ARG D 151 18.76 6.73 -22.48
C ARG D 151 17.67 5.86 -23.08
N GLY D 152 16.56 5.73 -22.37
CA GLY D 152 15.47 4.86 -22.77
C GLY D 152 15.64 3.42 -22.30
N SER D 153 16.49 3.23 -21.29
CA SER D 153 16.77 1.89 -20.76
C SER D 153 15.81 1.50 -19.66
N SER D 154 15.79 0.20 -19.34
CA SER D 154 14.84 -0.34 -18.36
C SER D 154 15.58 -1.26 -17.40
N VAL D 155 15.44 -0.99 -16.11
CA VAL D 155 16.01 -1.84 -15.07
C VAL D 155 14.87 -2.54 -14.35
N VAL D 156 14.94 -3.87 -14.32
CA VAL D 156 13.90 -4.69 -13.71
C VAL D 156 14.53 -5.43 -12.52
N LEU D 157 13.98 -5.22 -11.34
CA LEU D 157 14.50 -5.85 -10.12
C LEU D 157 13.56 -6.95 -9.69
N THR D 158 14.08 -8.15 -9.46
CA THR D 158 13.19 -9.22 -9.00
C THR D 158 12.91 -9.07 -7.52
N GLY D 159 11.64 -8.79 -7.21
CA GLY D 159 11.16 -8.73 -5.84
C GLY D 159 10.49 -10.04 -5.47
N SER D 160 9.49 -9.97 -4.61
CA SER D 160 8.74 -11.16 -4.20
C SER D 160 7.49 -10.71 -3.48
N THR D 161 6.43 -11.50 -3.59
CA THR D 161 5.28 -11.29 -2.74
C THR D 161 5.67 -11.26 -1.26
N ALA D 162 6.75 -11.95 -0.89
CA ALA D 162 7.22 -12.00 0.50
C ALA D 162 7.52 -10.61 1.03
N GLY D 163 7.91 -9.71 0.13
CA GLY D 163 8.26 -8.33 0.48
C GLY D 163 7.13 -7.48 1.06
N SER D 164 5.89 -7.92 0.89
CA SER D 164 4.75 -7.15 1.41
C SER D 164 3.72 -8.00 2.15
N THR D 165 4.11 -9.22 2.51
CA THR D 165 3.23 -10.15 3.19
C THR D 165 3.96 -10.72 4.41
N GLY D 166 3.25 -11.52 5.20
CA GLY D 166 3.85 -12.25 6.31
C GLY D 166 3.88 -13.74 6.00
N THR D 167 5.02 -14.36 6.28
CA THR D 167 5.21 -15.79 6.06
C THR D 167 6.00 -16.33 7.27
N PRO D 168 5.56 -17.48 7.85
CA PRO D 168 6.38 -18.03 8.94
C PRO D 168 7.79 -18.39 8.51
N ALA D 169 8.76 -18.14 9.40
CA ALA D 169 10.17 -18.53 9.24
C ALA D 169 10.83 -17.90 8.01
N PHE D 170 10.39 -16.70 7.64
CA PHE D 170 10.81 -16.11 6.38
C PHE D 170 11.20 -14.64 6.52
N SER D 171 11.45 -14.20 7.75
CA SER D 171 11.59 -12.76 7.99
C SER D 171 12.80 -12.12 7.32
N VAL D 172 13.93 -12.82 7.29
CA VAL D 172 15.13 -12.30 6.64
C VAL D 172 14.88 -12.12 5.13
N TYR D 173 14.38 -13.16 4.48
CA TYR D 173 14.10 -13.07 3.05
C TYR D 173 13.07 -11.99 2.74
N ALA D 174 11.99 -11.99 3.51
CA ALA D 174 10.91 -11.01 3.34
C ALA D 174 11.45 -9.58 3.45
N ALA D 175 12.25 -9.34 4.50
CA ALA D 175 12.81 -8.01 4.72
C ALA D 175 13.72 -7.60 3.57
N SER D 176 14.50 -8.55 3.06
CA SER D 176 15.40 -8.26 1.93
C SER D 176 14.60 -7.82 0.70
N LYS D 177 13.44 -8.43 0.49
CA LYS D 177 12.63 -8.11 -0.69
C LYS D 177 11.80 -6.84 -0.51
N ALA D 178 11.51 -6.49 0.75
CA ALA D 178 10.91 -5.17 1.03
C ALA D 178 11.92 -4.06 0.71
N ALA D 179 13.18 -4.26 1.12
CA ALA D 179 14.27 -3.33 0.80
C ALA D 179 14.44 -3.20 -0.71
N LEU D 180 14.43 -4.33 -1.40
CA LEU D 180 14.58 -4.37 -2.85
C LEU D 180 13.54 -3.49 -3.54
N ARG D 181 12.27 -3.62 -3.14
CA ARG D 181 11.21 -2.85 -3.79
C ARG D 181 11.39 -1.36 -3.54
N SER D 182 11.83 -1.01 -2.32
CA SER D 182 12.09 0.39 -1.97
C SER D 182 13.05 1.06 -2.95
N PHE D 183 14.07 0.33 -3.38
CA PHE D 183 15.04 0.86 -4.35
C PHE D 183 14.36 1.49 -5.58
N ALA D 184 13.30 0.87 -6.09
CA ALA D 184 12.64 1.35 -7.29
C ALA D 184 11.97 2.72 -7.09
N ARG D 185 11.45 2.96 -5.88
CA ARG D 185 10.80 4.22 -5.54
C ARG D 185 11.82 5.36 -5.48
N ASN D 186 13.04 5.02 -5.08
CA ASN D 186 14.02 6.02 -4.70
C ASN D 186 15.01 6.35 -5.81
N TRP D 187 15.51 5.32 -6.48
CA TRP D 187 16.50 5.53 -7.55
C TRP D 187 15.95 6.32 -8.74
N ILE D 188 14.65 6.26 -8.97
CA ILE D 188 14.06 7.01 -10.09
C ILE D 188 14.13 8.53 -9.86
N LEU D 189 14.34 8.92 -8.61
CA LEU D 189 14.56 10.33 -8.27
C LEU D 189 16.05 10.68 -8.38
N ASP D 190 16.93 9.76 -8.01
CA ASP D 190 18.37 9.97 -8.15
C ASP D 190 18.77 10.13 -9.61
N LEU D 191 18.02 9.46 -10.49
CA LEU D 191 18.35 9.40 -11.91
C LEU D 191 17.41 10.23 -12.76
N LYS D 192 16.91 11.33 -12.18
CA LYS D 192 16.05 12.27 -12.91
C LYS D 192 16.72 12.69 -14.21
N ASP D 193 15.94 12.74 -15.29
CA ASP D 193 16.42 13.18 -16.62
C ASP D 193 17.46 12.26 -17.27
N ARG D 194 17.71 11.08 -16.69
CA ARG D 194 18.68 10.13 -17.25
C ARG D 194 18.04 9.16 -18.25
N GLY D 195 16.71 9.13 -18.26
CA GLY D 195 15.97 8.26 -19.17
C GLY D 195 16.07 6.79 -18.82
N ILE D 196 16.22 6.50 -17.54
CA ILE D 196 16.30 5.11 -17.06
C ILE D 196 15.08 4.82 -16.20
N ARG D 197 14.29 3.83 -16.59
CA ARG D 197 13.17 3.36 -15.77
C ARG D 197 13.62 2.25 -14.83
N ILE D 198 13.07 2.21 -13.62
CA ILE D 198 13.38 1.16 -12.67
C ILE D 198 12.06 0.64 -12.11
N ASN D 199 11.85 -0.67 -12.23
CA ASN D 199 10.63 -1.30 -11.72
C ASN D 199 10.95 -2.59 -11.00
N THR D 200 10.05 -2.97 -10.08
CA THR D 200 10.17 -4.24 -9.36
C THR D 200 9.18 -5.22 -9.96
N LEU D 201 9.66 -6.42 -10.23
CA LEU D 201 8.83 -7.53 -10.68
C LEU D 201 8.75 -8.53 -9.54
N SER D 202 7.54 -8.73 -9.01
CA SER D 202 7.36 -9.54 -7.81
C SER D 202 6.52 -10.79 -8.02
N PRO D 203 7.20 -11.91 -8.27
CA PRO D 203 6.52 -13.19 -8.42
C PRO D 203 5.99 -13.71 -7.10
N GLY D 204 4.91 -14.50 -7.20
CA GLY D 204 4.42 -15.29 -6.08
C GLY D 204 4.94 -16.69 -6.34
N PRO D 205 4.20 -17.71 -5.83
CA PRO D 205 4.55 -19.12 -6.01
C PRO D 205 4.80 -19.48 -7.47
N THR D 206 5.95 -20.09 -7.74
CA THR D 206 6.34 -20.50 -9.09
C THR D 206 6.99 -21.88 -9.02
N GLU D 207 6.70 -22.72 -10.02
CA GLU D 207 7.26 -24.07 -10.09
C GLU D 207 8.75 -24.03 -10.45
N GLY D 224 3.89 -31.79 -3.13
CA GLY D 224 3.67 -31.71 -1.69
C GLY D 224 3.59 -30.28 -1.19
N LEU D 225 4.73 -29.59 -1.25
CA LEU D 225 4.81 -28.18 -0.86
C LEU D 225 4.16 -27.27 -1.91
N LEU D 226 4.28 -27.66 -3.18
CA LEU D 226 3.69 -26.91 -4.30
C LEU D 226 2.16 -26.84 -4.22
N ASN D 227 1.54 -27.96 -3.87
CA ASN D 227 0.07 -28.04 -3.74
C ASN D 227 -0.47 -27.20 -2.59
N ALA D 228 0.31 -27.12 -1.51
CA ALA D 228 -0.01 -26.27 -0.36
C ALA D 228 -0.02 -24.80 -0.79
N LEU D 229 1.03 -24.40 -1.52
CA LEU D 229 1.14 -23.04 -2.04
C LEU D 229 0.03 -22.74 -3.04
N ALA D 230 -0.25 -23.70 -3.92
CA ALA D 230 -1.25 -23.54 -4.98
C ALA D 230 -2.66 -23.26 -4.48
N ALA D 231 -3.02 -23.86 -3.34
CA ALA D 231 -4.36 -23.69 -2.75
C ALA D 231 -4.58 -22.30 -2.17
N GLN D 232 -3.50 -21.58 -1.89
CA GLN D 232 -3.56 -20.20 -1.41
C GLN D 232 -3.75 -19.21 -2.57
N VAL D 233 -3.39 -19.64 -3.77
CA VAL D 233 -3.42 -18.78 -4.95
C VAL D 233 -4.85 -18.72 -5.52
N PRO D 234 -5.39 -17.50 -5.70
CA PRO D 234 -6.72 -17.35 -6.29
C PRO D 234 -6.88 -18.08 -7.62
N GLY D 236 -5.44 -20.80 -8.38
CA GLY D 236 -5.48 -22.23 -8.06
C GLY D 236 -4.29 -23.05 -8.49
N ARG D 237 -3.21 -22.37 -8.88
CA ARG D 237 -2.01 -23.03 -9.37
C ARG D 237 -0.79 -22.13 -9.13
N VAL D 238 0.40 -22.73 -9.12
CA VAL D 238 1.63 -21.93 -9.10
C VAL D 238 1.90 -21.41 -10.52
N GLY D 239 2.72 -20.37 -10.61
CA GLY D 239 3.05 -19.79 -11.92
C GLY D 239 4.14 -20.58 -12.61
N ARG D 240 4.15 -20.51 -13.94
CA ARG D 240 5.24 -21.07 -14.71
C ARG D 240 6.31 -20.01 -14.90
N ALA D 241 7.56 -20.44 -14.96
CA ALA D 241 8.69 -19.53 -15.16
C ALA D 241 8.49 -18.64 -16.39
N GLU D 242 7.90 -19.21 -17.44
CA GLU D 242 7.65 -18.48 -18.69
C GLU D 242 6.67 -17.32 -18.52
N GLU D 243 5.73 -17.46 -17.57
CA GLU D 243 4.74 -16.42 -17.31
C GLU D 243 5.37 -15.23 -16.59
N VAL D 244 6.32 -15.54 -15.69
CA VAL D 244 7.08 -14.47 -15.01
C VAL D 244 7.97 -13.75 -16.03
N ALA D 245 8.59 -14.54 -16.91
CA ALA D 245 9.43 -14.01 -17.98
C ALA D 245 8.63 -13.09 -18.91
N ALA D 246 7.38 -13.44 -19.19
CA ALA D 246 6.54 -12.59 -20.04
C ALA D 246 6.26 -11.23 -19.39
N ALA D 247 6.08 -11.23 -18.06
CA ALA D 247 5.87 -9.98 -17.34
C ALA D 247 7.16 -9.17 -17.27
N ALA D 248 8.30 -9.86 -17.12
CA ALA D 248 9.62 -9.22 -17.20
C ALA D 248 9.80 -8.53 -18.55
N LEU D 249 9.36 -9.20 -19.62
CA LEU D 249 9.41 -8.64 -20.97
C LEU D 249 8.62 -7.34 -21.08
N PHE D 250 7.46 -7.29 -20.45
CA PHE D 250 6.66 -6.08 -20.50
C PHE D 250 7.45 -4.90 -19.95
N LEU D 251 8.05 -5.10 -18.77
CA LEU D 251 8.81 -4.04 -18.10
C LEU D 251 10.07 -3.66 -18.87
N ALA D 252 10.67 -4.64 -19.54
CA ALA D 252 11.88 -4.43 -20.34
C ALA D 252 11.58 -3.68 -21.64
N SER D 253 10.40 -3.92 -22.18
CA SER D 253 9.99 -3.42 -23.50
C SER D 253 9.49 -1.98 -23.47
N ASP D 254 9.36 -1.39 -24.65
CA ASP D 254 8.87 -0.02 -24.81
C ASP D 254 7.39 0.14 -24.45
N ASP D 255 6.67 -0.97 -24.37
CA ASP D 255 5.25 -0.94 -23.95
C ASP D 255 5.04 -0.39 -22.53
N SER D 256 6.09 -0.48 -21.70
CA SER D 256 6.02 0.05 -20.32
C SER D 256 6.71 1.41 -20.21
N SER D 257 6.75 2.17 -21.31
CA SER D 257 7.49 3.43 -21.34
C SER D 257 7.05 4.48 -20.30
N PHE D 258 5.82 4.39 -19.79
CA PHE D 258 5.39 5.33 -18.74
C PHE D 258 5.20 4.63 -17.39
N VAL D 259 5.84 3.47 -17.23
CA VAL D 259 5.83 2.71 -15.97
C VAL D 259 7.21 2.80 -15.33
N THR D 260 7.29 3.44 -14.17
CA THR D 260 8.53 3.51 -13.42
C THR D 260 8.26 3.64 -11.92
N GLY D 261 9.16 3.08 -11.12
CA GLY D 261 9.05 3.10 -9.66
C GLY D 261 8.05 2.10 -9.12
N ALA D 262 7.49 1.31 -10.02
CA ALA D 262 6.32 0.47 -9.70
C ALA D 262 6.70 -0.92 -9.23
N GLU D 263 5.72 -1.63 -8.69
CA GLU D 263 5.88 -3.05 -8.38
C GLU D 263 4.76 -3.81 -9.08
N LEU D 264 5.15 -4.61 -10.07
CA LEU D 264 4.24 -5.47 -10.81
C LEU D 264 4.25 -6.86 -10.20
N PHE D 265 3.10 -7.26 -9.64
CA PHE D 265 2.97 -8.57 -9.03
C PHE D 265 2.55 -9.57 -10.08
N VAL D 266 3.27 -10.69 -10.13
CA VAL D 266 2.95 -11.80 -11.03
C VAL D 266 2.77 -13.01 -10.12
N ASP D 267 1.60 -13.08 -9.50
CA ASP D 267 1.40 -13.94 -8.34
C ASP D 267 0.11 -14.75 -8.35
N GLY D 268 -0.60 -14.70 -9.48
CA GLY D 268 -1.89 -15.39 -9.60
C GLY D 268 -2.93 -14.88 -8.61
N GLY D 269 -2.69 -13.69 -8.08
CA GLY D 269 -3.60 -13.06 -7.12
C GLY D 269 -3.17 -13.21 -5.68
N SER D 270 -2.08 -13.96 -5.45
CA SER D 270 -1.64 -14.37 -4.11
C SER D 270 -1.57 -13.22 -3.08
N ALA D 271 -0.87 -12.16 -3.44
CA ALA D 271 -0.67 -11.03 -2.53
C ALA D 271 -1.67 -9.90 -2.77
N GLN D 272 -2.67 -10.16 -3.60
CA GLN D 272 -3.68 -9.16 -3.95
C GLN D 272 -4.91 -9.25 -3.05
N VAL D 273 -5.09 -10.40 -2.39
CA VAL D 273 -6.28 -10.66 -1.56
C VAL D 273 -5.99 -10.56 -0.06
#